data_7F4D
#
_entry.id   7F4D
#
_cell.length_a   1.00
_cell.length_b   1.00
_cell.length_c   1.00
_cell.angle_alpha   90.00
_cell.angle_beta   90.00
_cell.angle_gamma   90.00
#
_symmetry.space_group_name_H-M   'P 1'
#
loop_
_entity.id
_entity.type
_entity.pdbx_description
1 polymer 'Guanine nucleotide-binding protein G(I)/G(S)/G(O) subunit gamma-2'
2 polymer 'Guanine nucleotide-binding protein G(i) subunit alpha-1'
3 polymer 'Nanobody 35'
4 polymer 'Guanine nucleotide-binding protein G(I)/G(S)/G(T) subunit beta-1'
5 polymer 'melanocortin-1 receptor'
6 polymer 'alpha-melanocyte-stimulating hormone'
7 non-polymer 'CALCIUM ION'
#
loop_
_entity_poly.entity_id
_entity_poly.type
_entity_poly.pdbx_seq_one_letter_code
_entity_poly.pdbx_strand_id
1 'polypeptide(L)' MASNNTASIAQARKLVEQLKMEANIDRIKVSKAAADLMAYCEAHAKEDPLLTPVPASENPFREKKFFCAIL G
2 'polypeptide(L)'
;MGCTLSAEDKAAVERSKMIEKQLQKDKQVYRATHRLLLLGADNSGKSTIVKQMRIYHVNGYSEEECKQYKAVVYSNTIQS
IIAIIRAMGRLKIDFGDSARADDARQLFVLAGAAEEGFMTAELAGVIKRLWKDSGVQACFNRSREYQLNDSAAYYLNDLD
RIAQPNYIPTQQDVLRTRVKTSGIFETKFQVDKVNFHMFDVGAQRDERRKWIQCFNDVTAIIFVVDSSDYNRLQEALNDF
KSIWNNRWLRTISVILFLNKQDLLAEKVLAGKSKIEDYFPEFARYTTPEDATPEPGEDPRVTRAKYFIRDEFLRISTASG
DGRHYCYPHFTCSVDTENARRIFNDCRDIIQRMHLRQYELL
;
A
3 'polypeptide(L)'
;MKYLLPTAAAGLLLLAAQPAMAQVQLQESGGGLVQPGGSLRLSCAASGFTFSNYKMNWVRQAPGKGLEWVSDISQSGASI
SYTGSVKGRFTISRDNAKNTLYLQMNSLKPEDTAVYYCARCPAPFTRDCFDVTSTTYAYRGQGTQVTVSSHHHHHHEPEA
;
N
4 'polypeptide(L)'
;MGSLLQSELDQLRQEAEQLKNQIRDARKACADATLSQITNNIDPVGRIQMRTRRTLRGHLAKIYAMHWGTDSRLLVSASQ
DGKLIIWDSYTTNKVHAIPLRSSWVMTCAYAPSGNYVACGGLDNICSIYNLKTREGNVRVSRELAGHTGYLSCCRFLDDN
QIVTSSGDTTCALWDIETGQQTTTFTGHTGDVMSLSLAPDTRLFVSGACDASAKLWDVREGMCRQTFTGHESDINAICFF
PNGNAFATGSDDATCRLFDLRADQELMTYSHDNIICGITSVSFSKSGRLLLAGYDDFNCNVWDALKADRAGVLAGHDNRV
SCLGVTDDGMAVATGSWDSFLKIWNGSSGGGGSGGGGSSGVSGWRLFKKIS
;
B
5 'polypeptide(L)'
;MKTIIALSYIFCLVFAHHHHHHHHHHADLEDNWETLNDNLKVIEKADNAAQVKDALTKMRAAALDAQKATPPKLEDKSPD
SPEMKDFRHGFDILVGQIDDALKLANEGKVKEAQAAAEQLKTTRNAYIQKYLAVQGSQRRLLGSLNSTPTAIPQLGLAAN
QTGARCLEVSISDGLFLSLGLVSLVENALVVATIAKNRNLHSPMYCFICCLALSDLLVSGSNVLETAVILLLEAGALVAR
AAVLQQLDNVIDVITCSSMLSSLCFLGAIAVDRYISIFYALRYHSIVTLPRARRAVAAIWVASVVFSTLFIAYYDHVAVL
LCLVVFFLAMLVLMAVLYVHMLARACQHAQGIARLHKRQRPVHQGFGLKGAVTLTILLGIFFLCWGPFFLHLTLIVLCPE
HPTCGCIFKNFNLFLALIICNAIIDPLIYAFHSQELRRTLKEVLTCSWGSSGGGGSGGGGSSGVFTLEDFVGDWEQTAAY
NLDQVLEQGGVSSLLQNLAVSVTPIQRIVRSGENALKIDIHVIIPYEGLSADQMAQIEEVFKVVYPVDDHHFKVILPYGT
LVIDGVTPNMLNYFGRPYEGIAVFDGKKITVTGTLWNGNKIIDERLITPDGSMLFRVTINS
;
R
6 'polypeptide(L)' SYSMEHFRWGKPV M
#
loop_
_chem_comp.id
_chem_comp.type
_chem_comp.name
_chem_comp.formula
CA non-polymer 'CALCIUM ION' 'Ca 2'
#
# COMPACT_ATOMS: atom_id res chain seq x y z
N SER A 8 25.32 -19.68 -21.16
CA SER A 8 26.33 -20.72 -21.30
C SER A 8 25.72 -22.03 -21.80
N ILE A 9 26.58 -22.94 -22.28
CA ILE A 9 26.12 -24.16 -22.96
C ILE A 9 25.27 -25.04 -22.06
N ALA A 10 25.53 -25.02 -20.74
CA ALA A 10 24.89 -25.97 -19.83
C ALA A 10 23.40 -25.70 -19.68
N GLN A 11 23.02 -24.43 -19.55
CA GLN A 11 21.61 -24.06 -19.46
C GLN A 11 20.86 -24.40 -20.73
N ALA A 12 21.51 -24.24 -21.88
CA ALA A 12 20.87 -24.64 -23.12
C ALA A 12 20.68 -26.16 -23.21
N ARG A 13 21.68 -26.92 -22.81
CA ARG A 13 21.49 -28.38 -22.74
C ARG A 13 20.36 -28.80 -21.80
N LYS A 14 20.26 -28.15 -20.65
CA LYS A 14 19.16 -28.42 -19.72
C LYS A 14 17.82 -28.08 -20.34
N LEU A 15 17.71 -26.90 -20.95
CA LEU A 15 16.45 -26.50 -21.56
C LEU A 15 16.04 -27.41 -22.71
N VAL A 16 17.02 -27.84 -23.50
CA VAL A 16 16.74 -28.81 -24.57
C VAL A 16 16.19 -30.12 -24.01
N GLU A 17 16.87 -30.69 -23.03
CA GLU A 17 16.38 -31.96 -22.50
C GLU A 17 15.04 -31.83 -21.79
N GLN A 18 14.79 -30.70 -21.11
CA GLN A 18 13.46 -30.40 -20.56
C GLN A 18 12.41 -30.38 -21.67
N LEU A 19 12.68 -29.67 -22.76
CA LEU A 19 11.69 -29.63 -23.83
C LEU A 19 11.54 -30.97 -24.52
N LYS A 20 12.55 -31.83 -24.46
CA LYS A 20 12.36 -33.21 -24.91
C LYS A 20 11.39 -33.96 -24.00
N MET A 21 11.63 -33.92 -22.70
CA MET A 21 10.71 -34.60 -21.79
C MET A 21 9.30 -34.00 -21.79
N GLU A 22 9.14 -32.75 -22.21
CA GLU A 22 7.87 -32.07 -22.25
C GLU A 22 7.12 -32.18 -23.58
N ALA A 23 7.83 -32.29 -24.71
CA ALA A 23 7.18 -32.62 -25.99
C ALA A 23 6.52 -33.99 -25.97
N ASN A 24 7.23 -35.02 -25.47
CA ASN A 24 6.76 -36.41 -25.57
C ASN A 24 5.72 -36.80 -24.51
N ILE A 25 5.14 -35.85 -23.78
CA ILE A 25 4.05 -36.17 -22.86
C ILE A 25 2.80 -36.49 -23.65
N ASP A 26 1.95 -37.32 -23.05
CA ASP A 26 0.62 -37.58 -23.60
C ASP A 26 -0.33 -36.40 -23.38
N ARG A 27 -1.02 -36.01 -24.43
CA ARG A 27 -1.99 -34.92 -24.38
C ARG A 27 -3.36 -35.39 -24.82
N ILE A 28 -4.38 -35.15 -23.99
CA ILE A 28 -5.77 -35.37 -24.39
C ILE A 28 -6.33 -34.16 -25.12
N LYS A 29 -7.40 -34.36 -25.88
CA LYS A 29 -8.08 -33.25 -26.56
C LYS A 29 -8.65 -32.25 -25.54
N VAL A 30 -8.60 -30.96 -25.92
CA VAL A 30 -9.15 -29.87 -25.13
C VAL A 30 -10.65 -30.04 -24.89
N SER A 31 -11.36 -30.61 -25.87
CA SER A 31 -12.77 -30.96 -25.66
C SER A 31 -12.98 -31.92 -24.49
N LYS A 32 -12.12 -32.91 -24.34
CA LYS A 32 -12.25 -33.86 -23.25
C LYS A 32 -11.87 -33.26 -21.89
N ALA A 33 -10.80 -32.46 -21.85
CA ALA A 33 -10.49 -31.69 -20.66
C ALA A 33 -11.65 -30.79 -20.23
N ALA A 34 -12.19 -30.02 -21.17
CA ALA A 34 -13.31 -29.15 -20.89
C ALA A 34 -14.48 -29.93 -20.35
N ALA A 35 -14.81 -31.03 -21.02
CA ALA A 35 -15.94 -31.83 -20.60
C ALA A 35 -15.74 -32.43 -19.22
N ASP A 36 -14.50 -32.80 -18.87
CA ASP A 36 -14.24 -33.30 -17.51
C ASP A 36 -14.38 -32.23 -16.46
N LEU A 37 -13.85 -31.03 -16.70
CA LEU A 37 -14.06 -29.94 -15.77
C LEU A 37 -15.53 -29.54 -15.65
N MET A 38 -16.24 -29.47 -16.77
CA MET A 38 -17.66 -29.16 -16.73
C MET A 38 -18.45 -30.22 -15.97
N ALA A 39 -18.14 -31.50 -16.19
CA ALA A 39 -18.77 -32.58 -15.42
C ALA A 39 -18.47 -32.47 -13.93
N TYR A 40 -17.24 -32.10 -13.58
CA TYR A 40 -16.92 -31.87 -12.17
C TYR A 40 -17.76 -30.73 -11.58
N CYS A 41 -17.83 -29.61 -12.30
CA CYS A 41 -18.64 -28.49 -11.82
C CYS A 41 -20.12 -28.86 -11.67
N GLU A 42 -20.71 -29.49 -12.67
CA GLU A 42 -22.12 -29.88 -12.58
C GLU A 42 -22.34 -30.98 -11.56
N ALA A 43 -21.39 -31.87 -11.35
CA ALA A 43 -21.56 -32.88 -10.31
C ALA A 43 -21.47 -32.29 -8.91
N HIS A 44 -20.50 -31.43 -8.66
CA HIS A 44 -20.27 -30.87 -7.33
C HIS A 44 -20.92 -29.51 -7.11
N ALA A 45 -21.88 -29.15 -7.97
CA ALA A 45 -22.51 -27.83 -7.84
C ALA A 45 -23.30 -27.67 -6.54
N LYS A 46 -24.08 -28.70 -6.17
CA LYS A 46 -24.95 -28.60 -5.01
C LYS A 46 -24.19 -28.45 -3.69
N GLU A 47 -22.98 -29.01 -3.62
CA GLU A 47 -22.12 -28.92 -2.45
C GLU A 47 -21.11 -27.77 -2.52
N ASP A 48 -21.44 -26.71 -3.25
CA ASP A 48 -20.61 -25.50 -3.27
C ASP A 48 -21.43 -24.37 -2.66
N PRO A 49 -21.21 -24.02 -1.39
CA PRO A 49 -21.97 -22.95 -0.76
C PRO A 49 -21.75 -21.57 -1.35
N LEU A 50 -20.74 -21.36 -2.19
CA LEU A 50 -20.63 -20.07 -2.85
C LEU A 50 -21.45 -20.04 -4.14
N LEU A 51 -21.41 -21.10 -4.92
CA LEU A 51 -22.23 -21.19 -6.11
C LEU A 51 -23.71 -21.25 -5.75
N THR A 52 -24.04 -22.03 -4.74
CA THR A 52 -25.42 -22.24 -4.33
C THR A 52 -25.60 -21.93 -2.84
N PRO A 53 -25.79 -20.65 -2.48
CA PRO A 53 -25.76 -20.25 -1.06
C PRO A 53 -26.75 -21.03 -0.20
N VAL A 54 -26.23 -21.66 0.85
CA VAL A 54 -27.03 -22.40 1.83
C VAL A 54 -27.76 -21.45 2.79
N PRO A 55 -28.88 -21.86 3.36
CA PRO A 55 -29.60 -20.98 4.28
C PRO A 55 -28.77 -20.64 5.52
N ALA A 56 -29.23 -19.61 6.23
CA ALA A 56 -28.66 -19.21 7.51
C ALA A 56 -28.74 -20.28 8.59
N SER A 57 -29.54 -21.33 8.40
CA SER A 57 -29.49 -22.47 9.31
C SER A 57 -28.15 -23.18 9.23
N GLU A 58 -27.57 -23.25 8.04
CA GLU A 58 -26.33 -24.01 7.86
C GLU A 58 -25.11 -23.12 7.84
N ASN A 59 -25.23 -21.86 7.38
CA ASN A 59 -24.11 -20.93 7.25
C ASN A 59 -23.50 -20.60 8.63
N PRO A 60 -22.28 -21.09 8.91
CA PRO A 60 -21.69 -20.85 10.24
C PRO A 60 -21.32 -19.39 10.51
N PHE A 61 -21.16 -18.56 9.49
CA PHE A 61 -20.60 -17.23 9.66
C PHE A 61 -21.64 -16.17 10.07
N ARG A 62 -22.94 -16.44 9.83
CA ARG A 62 -23.99 -15.66 10.42
C ARG A 62 -25.20 -16.62 10.54
N GLU A 63 -25.05 -17.57 11.45
CA GLU A 63 -25.95 -18.70 11.54
C GLU A 63 -27.36 -18.25 11.91
N LEU B 5 -22.31 -17.92 27.36
CA LEU B 5 -21.24 -18.57 26.61
C LEU B 5 -20.79 -19.84 27.29
N SER B 6 -20.41 -20.82 26.49
CA SER B 6 -19.80 -22.04 27.02
C SER B 6 -18.44 -21.75 27.65
N ALA B 7 -18.04 -22.65 28.55
CA ALA B 7 -16.75 -22.52 29.24
C ALA B 7 -15.58 -22.45 28.26
N GLU B 8 -15.60 -23.31 27.23
CA GLU B 8 -14.56 -23.25 26.22
C GLU B 8 -14.66 -21.97 25.40
N ASP B 9 -15.88 -21.52 25.14
CA ASP B 9 -16.08 -20.30 24.38
C ASP B 9 -15.66 -19.05 25.16
N LYS B 10 -16.02 -18.99 26.43
CA LYS B 10 -15.53 -17.93 27.30
C LYS B 10 -14.01 -17.94 27.41
N ALA B 11 -13.42 -19.10 27.64
CA ALA B 11 -11.97 -19.22 27.68
C ALA B 11 -11.31 -18.73 26.38
N ALA B 12 -11.93 -19.03 25.23
CA ALA B 12 -11.44 -18.51 23.97
C ALA B 12 -11.52 -17.00 23.87
N VAL B 13 -12.58 -16.44 24.43
CA VAL B 13 -12.69 -14.98 24.53
C VAL B 13 -11.62 -14.39 25.44
N GLU B 14 -11.34 -15.03 26.56
CA GLU B 14 -10.28 -14.56 27.47
C GLU B 14 -8.90 -14.59 26.82
N ARG B 15 -8.58 -15.67 26.11
CA ARG B 15 -7.34 -15.74 25.36
C ARG B 15 -7.25 -14.69 24.26
N SER B 16 -8.36 -14.46 23.53
CA SER B 16 -8.38 -13.40 22.53
C SER B 16 -8.17 -12.01 23.14
N LYS B 17 -8.69 -11.79 24.34
CA LYS B 17 -8.47 -10.49 24.98
C LYS B 17 -7.01 -10.31 25.43
N MET B 18 -6.40 -11.37 25.95
CA MET B 18 -4.96 -11.33 26.22
C MET B 18 -4.14 -11.00 24.96
N ILE B 19 -4.47 -11.66 23.86
CA ILE B 19 -3.80 -11.43 22.58
C ILE B 19 -4.03 -9.99 22.12
N GLU B 20 -5.26 -9.50 22.25
CA GLU B 20 -5.57 -8.10 21.92
C GLU B 20 -4.77 -7.09 22.75
N LYS B 21 -4.63 -7.32 24.05
CA LYS B 21 -3.76 -6.45 24.85
C LYS B 21 -2.30 -6.47 24.39
N GLN B 22 -1.76 -7.66 24.09
CA GLN B 22 -0.40 -7.71 23.55
C GLN B 22 -0.28 -7.01 22.19
N LEU B 23 -1.27 -7.18 21.33
CA LEU B 23 -1.30 -6.48 20.06
C LEU B 23 -1.37 -4.95 20.24
N GLN B 24 -2.11 -4.46 21.24
CA GLN B 24 -2.10 -3.04 21.54
C GLN B 24 -0.76 -2.54 22.00
N LYS B 25 -0.03 -3.35 22.77
CA LYS B 25 1.34 -2.97 23.15
C LYS B 25 2.26 -2.93 21.94
N ASP B 26 2.16 -3.95 21.08
CA ASP B 26 2.99 -4.01 19.89
C ASP B 26 2.61 -2.95 18.88
N LYS B 27 1.35 -2.56 18.86
CA LYS B 27 0.95 -1.42 18.03
C LYS B 27 1.74 -0.18 18.38
N GLN B 28 1.86 0.13 19.67
CA GLN B 28 2.57 1.35 20.04
C GLN B 28 4.06 1.28 19.73
N VAL B 29 4.65 0.11 19.97
CA VAL B 29 6.06 -0.11 19.58
C VAL B 29 6.25 0.00 18.07
N TYR B 30 5.33 -0.60 17.30
CA TYR B 30 5.33 -0.51 15.83
C TYR B 30 5.14 0.92 15.33
N ARG B 31 4.11 1.62 15.78
CA ARG B 31 3.86 2.99 15.33
C ARG B 31 4.96 3.94 15.75
N ALA B 32 5.61 3.67 16.88
CA ALA B 32 6.74 4.52 17.27
C ALA B 32 8.04 4.15 16.56
N THR B 33 8.07 3.05 15.81
CA THR B 33 9.27 2.67 15.07
C THR B 33 9.08 3.05 13.60
N HIS B 34 9.98 3.90 13.10
CA HIS B 34 9.97 4.39 11.73
C HIS B 34 10.86 3.49 10.87
N ARG B 35 10.23 2.71 9.99
CA ARG B 35 10.89 1.78 9.09
C ARG B 35 11.51 2.48 7.90
N LEU B 36 12.68 1.99 7.46
CA LEU B 36 13.39 2.58 6.33
C LEU B 36 13.93 1.46 5.46
N LEU B 37 13.81 1.65 4.14
CA LEU B 37 14.43 0.77 3.17
C LEU B 37 15.68 1.48 2.66
N LEU B 38 16.82 0.83 2.83
CA LEU B 38 18.10 1.27 2.29
C LEU B 38 18.38 0.57 0.96
N LEU B 39 18.41 1.33 -0.11
CA LEU B 39 18.71 0.79 -1.43
C LEU B 39 20.00 1.39 -1.98
N GLY B 40 20.69 0.60 -2.79
CA GLY B 40 21.83 1.09 -3.56
C GLY B 40 22.64 0.00 -4.22
N ALA B 41 23.27 0.35 -5.33
CA ALA B 41 24.11 -0.62 -6.02
C ALA B 41 25.36 -0.94 -5.20
N ASP B 42 26.02 -2.03 -5.61
CA ASP B 42 27.26 -2.52 -5.01
C ASP B 42 28.30 -1.42 -4.84
N ASN B 43 28.41 -0.52 -5.82
CA ASN B 43 29.35 0.60 -5.77
C ASN B 43 28.98 1.64 -4.72
N SER B 44 27.72 1.70 -4.30
CA SER B 44 27.17 2.91 -3.69
C SER B 44 27.51 3.08 -2.22
N GLY B 45 28.42 2.29 -1.65
CA GLY B 45 28.86 2.49 -0.26
C GLY B 45 27.82 2.22 0.80
N LYS B 46 26.74 1.53 0.45
CA LYS B 46 25.65 1.23 1.36
C LYS B 46 26.10 0.60 2.67
N SER B 47 26.97 -0.40 2.58
CA SER B 47 27.52 -1.08 3.76
C SER B 47 28.26 -0.13 4.70
N THR B 48 29.01 0.83 4.16
CA THR B 48 29.72 1.78 5.03
C THR B 48 28.77 2.68 5.80
N ILE B 49 27.64 3.05 5.21
CA ILE B 49 26.61 3.82 5.93
C ILE B 49 25.94 3.00 7.02
N VAL B 50 25.61 1.72 6.74
CA VAL B 50 25.13 0.83 7.82
C VAL B 50 26.13 0.73 8.97
N LYS B 51 27.40 0.49 8.64
CA LYS B 51 28.44 0.32 9.64
C LYS B 51 28.64 1.60 10.46
N GLN B 52 28.66 2.76 9.81
CA GLN B 52 28.75 4.03 10.53
C GLN B 52 27.55 4.25 11.42
N MET B 53 26.34 4.11 10.86
CA MET B 53 25.14 4.36 11.62
C MET B 53 24.88 3.37 12.76
N ARG B 54 25.54 2.20 12.75
CA ARG B 54 25.48 1.32 13.90
C ARG B 54 26.06 1.95 15.17
N ILE B 55 26.81 3.06 15.05
CA ILE B 55 27.19 3.83 16.24
C ILE B 55 26.00 4.46 16.94
N TYR B 56 24.85 4.57 16.28
CA TYR B 56 23.64 5.05 16.92
C TYR B 56 22.77 3.93 17.44
N HIS B 57 23.24 2.69 17.38
CA HIS B 57 22.48 1.63 17.99
C HIS B 57 22.50 1.72 19.52
N THR B 181 23.88 -14.66 4.12
CA THR B 181 22.99 -15.80 3.88
C THR B 181 21.54 -15.39 4.14
N SER B 182 21.35 -14.48 5.07
CA SER B 182 20.02 -13.93 5.30
C SER B 182 19.66 -12.96 4.17
N GLY B 183 18.37 -12.83 3.93
CA GLY B 183 17.84 -12.06 2.81
C GLY B 183 17.54 -10.61 3.09
N ILE B 184 17.57 -10.18 4.34
CA ILE B 184 17.26 -8.80 4.71
C ILE B 184 18.00 -8.48 6.01
N PHE B 185 18.79 -7.42 6.02
CA PHE B 185 19.55 -7.04 7.20
C PHE B 185 18.90 -5.83 7.86
N GLU B 186 18.47 -6.01 9.10
CA GLU B 186 17.86 -4.95 9.87
C GLU B 186 18.94 -4.28 10.72
N THR B 187 19.28 -3.02 10.40
CA THR B 187 20.04 -2.17 11.31
C THR B 187 19.08 -1.18 11.97
N LYS B 188 19.00 -1.24 13.29
CA LYS B 188 18.11 -0.39 14.08
C LYS B 188 18.88 0.58 14.96
N PHE B 189 18.49 1.85 14.90
CA PHE B 189 19.22 2.94 15.50
C PHE B 189 18.23 3.95 16.07
N GLN B 190 18.73 4.81 16.96
CA GLN B 190 17.90 5.79 17.64
C GLN B 190 18.52 7.17 17.54
N VAL B 191 17.71 8.15 17.12
CA VAL B 191 18.06 9.56 17.16
C VAL B 191 16.98 10.30 17.94
N ASP B 192 17.39 11.07 18.95
CA ASP B 192 16.50 11.91 19.75
C ASP B 192 15.30 11.11 20.23
N LYS B 193 15.58 9.93 20.79
CA LYS B 193 14.57 9.02 21.34
C LYS B 193 13.57 8.55 20.29
N VAL B 194 13.90 8.68 19.01
CA VAL B 194 13.09 8.13 17.93
C VAL B 194 13.80 6.88 17.42
N ASN B 195 13.08 5.75 17.45
CA ASN B 195 13.60 4.49 16.94
C ASN B 195 13.37 4.39 15.43
N PHE B 196 14.44 4.06 14.72
CA PHE B 196 14.45 3.80 13.29
C PHE B 196 14.87 2.35 13.03
N HIS B 197 14.11 1.66 12.19
CA HIS B 197 14.52 0.37 11.65
C HIS B 197 14.87 0.56 10.16
N MET B 198 16.12 0.31 9.80
CA MET B 198 16.59 0.50 8.43
C MET B 198 16.95 -0.87 7.84
N PHE B 199 16.29 -1.24 6.75
CA PHE B 199 16.42 -2.56 6.14
C PHE B 199 17.38 -2.49 4.94
N ASP B 200 18.62 -2.92 5.15
CA ASP B 200 19.56 -3.17 4.05
C ASP B 200 19.20 -4.54 3.43
N VAL B 201 18.44 -4.49 2.35
CA VAL B 201 18.08 -5.67 1.55
C VAL B 201 19.32 -6.24 0.90
N GLY B 202 19.60 -7.49 1.16
CA GLY B 202 20.83 -8.11 0.70
C GLY B 202 20.64 -9.59 0.45
N ALA B 203 21.40 -10.09 -0.53
CA ALA B 203 21.31 -11.45 -1.04
C ALA B 203 19.91 -11.80 -1.53
N GLN B 204 19.16 -10.82 -1.96
CA GLN B 204 18.13 -11.16 -2.94
C GLN B 204 18.76 -11.27 -4.32
N ARG B 205 18.01 -11.85 -5.25
CA ARG B 205 18.37 -11.67 -6.65
C ARG B 205 18.13 -10.23 -7.10
N ASP B 206 18.72 -9.91 -8.24
CA ASP B 206 18.62 -8.57 -8.84
C ASP B 206 17.27 -8.30 -9.50
N GLU B 207 16.33 -9.24 -9.48
CA GLU B 207 14.95 -8.89 -9.80
C GLU B 207 14.28 -8.36 -8.54
N ARG B 208 14.05 -7.04 -8.48
CA ARG B 208 13.52 -6.41 -7.29
C ARG B 208 12.03 -6.04 -7.40
N ARG B 209 11.40 -6.17 -8.56
CA ARG B 209 10.04 -5.67 -8.71
C ARG B 209 9.01 -6.31 -7.79
N LYS B 210 9.27 -7.52 -7.26
CA LYS B 210 8.34 -8.17 -6.36
C LYS B 210 8.61 -7.92 -4.88
N TRP B 211 9.86 -8.02 -4.42
CA TRP B 211 10.13 -7.80 -3.02
C TRP B 211 10.00 -6.31 -2.63
N ILE B 212 10.24 -5.40 -3.58
CA ILE B 212 10.19 -3.98 -3.25
C ILE B 212 8.77 -3.52 -2.95
N GLN B 213 7.76 -4.24 -3.44
CA GLN B 213 6.37 -3.97 -3.09
C GLN B 213 6.11 -4.02 -1.58
N CYS B 214 6.89 -4.83 -0.83
CA CYS B 214 6.75 -4.86 0.62
C CYS B 214 6.87 -3.46 1.25
N PHE B 215 7.81 -2.64 0.78
CA PHE B 215 8.15 -1.40 1.44
C PHE B 215 7.24 -0.23 1.07
N ASN B 216 6.00 -0.52 0.69
CA ASN B 216 5.02 0.54 0.41
C ASN B 216 4.52 1.26 1.69
N ASP B 217 5.10 0.95 2.85
CA ASP B 217 4.62 1.52 4.10
C ASP B 217 5.77 1.99 4.96
N VAL B 218 7.00 1.98 4.44
CA VAL B 218 8.12 2.63 5.10
C VAL B 218 7.95 4.15 5.09
N THR B 219 8.66 4.80 6.01
CA THR B 219 8.68 6.27 5.98
C THR B 219 9.52 6.80 4.81
N ALA B 220 10.66 6.18 4.56
CA ALA B 220 11.50 6.65 3.46
C ALA B 220 12.27 5.50 2.84
N ILE B 221 12.70 5.70 1.59
CA ILE B 221 13.73 4.86 0.97
C ILE B 221 15.04 5.65 0.94
N ILE B 222 16.06 5.18 1.65
CA ILE B 222 17.38 5.77 1.55
C ILE B 222 18.04 5.17 0.31
N PHE B 223 18.04 5.91 -0.79
CA PHE B 223 18.68 5.52 -2.03
C PHE B 223 20.09 6.09 -2.05
N VAL B 224 21.07 5.28 -1.65
CA VAL B 224 22.48 5.69 -1.74
C VAL B 224 22.96 5.54 -3.19
N VAL B 225 23.79 6.50 -3.63
CA VAL B 225 24.33 6.50 -4.99
C VAL B 225 25.81 6.76 -4.92
N ASP B 226 26.59 5.92 -5.60
CA ASP B 226 27.99 6.27 -5.86
C ASP B 226 27.97 7.41 -6.88
N SER B 227 28.23 8.62 -6.39
CA SER B 227 28.27 9.80 -7.22
C SER B 227 29.55 9.88 -8.05
N SER B 228 30.49 8.96 -7.86
CA SER B 228 31.79 9.02 -8.50
C SER B 228 31.82 8.36 -9.88
N ASP B 229 31.31 7.15 -10.01
CA ASP B 229 31.44 6.37 -11.24
C ASP B 229 30.30 6.70 -12.20
N TYR B 230 30.52 7.75 -12.99
CA TYR B 230 29.49 8.28 -13.89
C TYR B 230 28.93 7.21 -14.80
N ASN B 231 29.73 6.22 -15.16
CA ASN B 231 29.23 5.11 -15.98
C ASN B 231 28.08 4.37 -15.32
N ARG B 232 28.19 4.10 -14.02
CA ARG B 232 27.16 3.42 -13.26
C ARG B 232 26.03 4.36 -12.81
N LEU B 233 26.29 5.67 -12.79
CA LEU B 233 25.29 6.63 -12.32
C LEU B 233 23.97 6.58 -13.09
N GLN B 234 24.02 6.29 -14.39
CA GLN B 234 22.77 6.17 -15.17
C GLN B 234 21.95 4.99 -14.71
N GLU B 235 22.60 3.90 -14.33
CA GLU B 235 21.87 2.79 -13.72
C GLU B 235 21.20 3.22 -12.42
N ALA B 236 21.88 4.01 -11.61
CA ALA B 236 21.27 4.54 -10.40
C ALA B 236 20.09 5.44 -10.73
N LEU B 237 20.20 6.26 -11.79
CA LEU B 237 19.08 7.07 -12.25
C LEU B 237 17.88 6.21 -12.62
N ASN B 238 18.08 5.15 -13.39
CA ASN B 238 16.95 4.31 -13.78
C ASN B 238 16.35 3.55 -12.60
N ASP B 239 17.20 3.14 -11.65
CA ASP B 239 16.70 2.55 -10.41
C ASP B 239 15.86 3.54 -9.59
N PHE B 240 16.35 4.77 -9.45
CA PHE B 240 15.55 5.80 -8.79
C PHE B 240 14.22 6.04 -9.52
N LYS B 241 14.25 6.14 -10.85
CA LYS B 241 13.03 6.34 -11.63
C LYS B 241 12.04 5.19 -11.45
N SER B 242 12.54 3.97 -11.35
CA SER B 242 11.67 2.79 -11.10
C SER B 242 11.07 2.82 -9.69
N ILE B 243 11.86 3.19 -8.68
CA ILE B 243 11.32 3.37 -7.33
C ILE B 243 10.26 4.45 -7.32
N TRP B 244 10.56 5.58 -7.95
CA TRP B 244 9.64 6.73 -7.91
C TRP B 244 8.33 6.47 -8.64
N ASN B 245 8.37 5.90 -9.85
CA ASN B 245 7.16 5.68 -10.65
C ASN B 245 6.32 4.51 -10.15
N ASN B 246 6.88 3.65 -9.32
CA ASN B 246 6.17 2.42 -8.95
C ASN B 246 4.85 2.72 -8.24
N ARG B 247 3.80 2.07 -8.73
CA ARG B 247 2.44 2.29 -8.24
C ARG B 247 2.31 2.22 -6.72
N TRP B 248 3.09 1.36 -6.07
CA TRP B 248 2.96 1.13 -4.62
C TRP B 248 3.88 2.03 -3.80
N LEU B 249 5.06 2.36 -4.31
CA LEU B 249 5.97 3.29 -3.68
C LEU B 249 5.57 4.74 -4.00
N ARG B 250 4.49 4.91 -4.78
CA ARG B 250 3.90 6.18 -5.14
C ARG B 250 3.66 7.12 -3.95
N THR B 251 3.65 6.61 -2.72
CA THR B 251 3.49 7.48 -1.54
C THR B 251 4.76 7.55 -0.70
N ILE B 252 5.85 6.99 -1.18
CA ILE B 252 7.05 6.80 -0.36
C ILE B 252 8.14 7.75 -0.82
N SER B 253 8.58 8.59 0.10
CA SER B 253 9.61 9.59 -0.20
C SER B 253 10.99 8.92 -0.18
N VAL B 254 11.91 9.49 -0.97
CA VAL B 254 13.24 8.90 -1.17
C VAL B 254 14.27 9.83 -0.57
N ILE B 255 15.01 9.35 0.44
CA ILE B 255 16.18 10.03 1.00
C ILE B 255 17.39 9.70 0.11
N LEU B 256 17.74 10.63 -0.78
CA LEU B 256 18.75 10.41 -1.83
C LEU B 256 20.14 10.74 -1.32
N PHE B 257 20.85 9.72 -0.84
CA PHE B 257 22.25 9.88 -0.40
C PHE B 257 23.18 9.78 -1.60
N LEU B 258 23.51 10.94 -2.17
CA LEU B 258 24.60 11.03 -3.15
C LEU B 258 25.92 10.82 -2.44
N ASN B 259 26.33 9.56 -2.34
CA ASN B 259 27.48 9.17 -1.54
C ASN B 259 28.79 9.36 -2.28
N LYS B 260 29.87 9.04 -1.58
CA LYS B 260 31.24 9.07 -2.13
C LYS B 260 31.59 10.42 -2.72
N GLN B 261 31.16 11.49 -2.06
CA GLN B 261 31.47 12.83 -2.56
C GLN B 261 32.94 13.16 -2.53
N ASP B 262 33.69 12.57 -1.60
CA ASP B 262 35.16 12.68 -1.65
C ASP B 262 35.75 12.16 -2.96
N LEU B 263 35.34 10.97 -3.38
CA LEU B 263 35.86 10.41 -4.62
C LEU B 263 35.36 11.18 -5.84
N LEU B 264 34.13 11.70 -5.79
CA LEU B 264 33.68 12.59 -6.84
C LEU B 264 34.55 13.83 -6.92
N ALA B 265 34.86 14.43 -5.78
CA ALA B 265 35.72 15.61 -5.75
C ALA B 265 37.10 15.31 -6.33
N GLU B 266 37.70 14.21 -5.91
CA GLU B 266 38.97 13.77 -6.49
C GLU B 266 38.89 13.57 -8.00
N LYS B 267 37.82 12.95 -8.48
CA LYS B 267 37.67 12.68 -9.90
C LYS B 267 37.51 13.94 -10.73
N VAL B 268 36.71 14.89 -10.24
CA VAL B 268 36.52 16.17 -10.94
C VAL B 268 37.77 17.04 -10.85
N LEU B 269 38.45 17.04 -9.72
CA LEU B 269 39.67 17.82 -9.62
C LEU B 269 40.81 17.21 -10.42
N ALA B 270 40.91 15.89 -10.48
CA ALA B 270 41.90 15.29 -11.35
C ALA B 270 41.56 15.47 -12.82
N GLY B 271 40.28 15.53 -13.15
CA GLY B 271 39.89 15.86 -14.51
C GLY B 271 40.11 14.76 -15.53
N LYS B 272 40.55 13.58 -15.08
CA LYS B 272 40.81 12.50 -16.02
C LYS B 272 39.52 12.07 -16.70
N SER B 273 38.40 12.12 -15.99
CA SER B 273 37.10 11.67 -16.47
C SER B 273 36.10 12.82 -16.51
N LYS B 274 35.17 12.70 -17.45
CA LYS B 274 34.51 13.86 -18.07
C LYS B 274 33.03 13.54 -18.19
N ILE B 275 32.23 14.18 -17.31
CA ILE B 275 30.81 13.86 -17.16
C ILE B 275 30.06 14.05 -18.47
N GLU B 276 30.51 15.04 -19.29
CA GLU B 276 29.87 15.30 -20.57
C GLU B 276 29.87 14.07 -21.46
N ASP B 277 30.84 13.16 -21.30
CA ASP B 277 30.83 11.96 -22.10
C ASP B 277 29.70 11.03 -21.70
N TYR B 278 29.22 11.13 -20.45
CA TYR B 278 28.15 10.27 -19.97
C TYR B 278 26.82 11.00 -19.88
N PHE B 279 26.86 12.32 -19.66
CA PHE B 279 25.67 13.14 -19.53
C PHE B 279 25.93 14.44 -20.30
N PRO B 280 25.68 14.45 -21.60
CA PRO B 280 26.09 15.59 -22.44
C PRO B 280 25.40 16.88 -22.08
N GLU B 281 24.31 16.82 -21.34
CA GLU B 281 23.65 18.03 -20.86
C GLU B 281 24.51 18.79 -19.84
N PHE B 282 25.50 18.14 -19.22
CA PHE B 282 26.46 18.81 -18.35
C PHE B 282 27.36 19.79 -19.09
N ALA B 283 27.42 19.75 -20.42
CA ALA B 283 28.14 20.79 -21.19
C ALA B 283 27.51 22.18 -21.05
N ARG B 284 26.21 22.27 -20.67
CA ARG B 284 25.46 23.51 -20.63
C ARG B 284 24.76 23.78 -19.31
N TYR B 285 24.72 22.81 -18.40
CA TYR B 285 24.20 23.03 -17.05
C TYR B 285 25.08 23.99 -16.25
N THR B 286 24.42 24.95 -15.60
CA THR B 286 25.07 25.96 -14.76
C THR B 286 24.60 25.82 -13.32
N THR B 287 25.55 26.01 -12.41
CA THR B 287 25.36 25.76 -10.98
C THR B 287 24.16 26.54 -10.45
N PRO B 288 23.30 25.92 -9.63
CA PRO B 288 22.09 26.58 -9.14
C PRO B 288 22.40 27.74 -8.20
N GLU B 289 21.47 28.71 -8.13
CA GLU B 289 21.55 29.78 -7.13
C GLU B 289 21.40 29.32 -5.67
N ASP B 290 20.76 28.19 -5.40
CA ASP B 290 20.72 27.56 -4.07
C ASP B 290 21.99 26.81 -3.70
N ALA B 291 22.98 26.71 -4.59
CA ALA B 291 24.16 25.90 -4.34
C ALA B 291 24.95 26.41 -3.14
N THR B 292 25.52 25.47 -2.37
CA THR B 292 26.25 25.72 -1.14
C THR B 292 27.60 25.03 -1.13
N PRO B 293 28.66 25.66 -1.66
CA PRO B 293 29.97 25.02 -1.78
C PRO B 293 30.72 24.88 -0.45
N GLU B 294 30.11 24.13 0.46
CA GLU B 294 30.24 24.25 1.92
C GLU B 294 31.69 24.39 2.41
N PRO B 295 32.57 23.42 2.11
CA PRO B 295 33.93 23.52 2.66
C PRO B 295 34.86 24.49 1.94
N GLY B 296 34.27 25.38 1.15
CA GLY B 296 35.05 26.18 0.23
C GLY B 296 35.57 25.38 -0.94
N GLU B 297 34.77 24.42 -1.44
CA GLU B 297 35.13 23.55 -2.55
C GLU B 297 35.06 24.25 -3.91
N ASP B 298 35.71 23.61 -4.91
CA ASP B 298 35.88 24.23 -6.22
C ASP B 298 34.53 24.42 -6.92
N PRO B 299 34.38 25.50 -7.70
CA PRO B 299 33.14 25.68 -8.49
C PRO B 299 32.80 24.50 -9.42
N ARG B 300 33.81 23.85 -10.01
CA ARG B 300 33.56 22.74 -10.92
C ARG B 300 33.09 21.50 -10.18
N VAL B 301 33.67 21.23 -9.00
CA VAL B 301 33.17 20.17 -8.12
C VAL B 301 31.73 20.45 -7.70
N THR B 302 31.41 21.70 -7.37
CA THR B 302 30.05 22.05 -7.01
C THR B 302 29.08 21.83 -8.19
N ARG B 303 29.48 22.26 -9.39
CA ARG B 303 28.66 22.07 -10.58
C ARG B 303 28.40 20.60 -10.84
N ALA B 304 29.44 19.76 -10.71
CA ALA B 304 29.25 18.30 -10.83
C ALA B 304 28.26 17.76 -9.80
N LYS B 305 28.49 18.12 -8.54
CA LYS B 305 27.64 17.67 -7.45
C LYS B 305 26.17 18.01 -7.69
N TYR B 306 25.88 19.29 -7.94
CA TYR B 306 24.51 19.74 -8.07
C TYR B 306 23.88 19.27 -9.39
N PHE B 307 24.68 19.05 -10.43
CA PHE B 307 24.15 18.40 -11.63
C PHE B 307 23.64 17.01 -11.33
N ILE B 308 24.48 16.20 -10.68
CA ILE B 308 24.06 14.85 -10.28
C ILE B 308 22.82 14.90 -9.43
N ARG B 309 22.78 15.82 -8.47
CA ARG B 309 21.58 16.07 -7.68
C ARG B 309 20.36 16.35 -8.57
N ASP B 310 20.51 17.28 -9.50
CA ASP B 310 19.38 17.74 -10.31
C ASP B 310 18.91 16.75 -11.36
N GLU B 311 19.70 15.75 -11.70
CA GLU B 311 19.17 14.64 -12.49
C GLU B 311 18.09 13.88 -11.72
N PHE B 312 18.39 13.46 -10.48
CA PHE B 312 17.39 12.79 -9.66
C PHE B 312 16.26 13.74 -9.29
N LEU B 313 16.55 15.02 -9.05
CA LEU B 313 15.48 15.99 -8.86
C LEU B 313 14.62 16.19 -10.10
N ARG B 314 15.18 16.08 -11.30
CA ARG B 314 14.35 16.16 -12.49
C ARG B 314 13.39 14.97 -12.58
N ILE B 315 13.92 13.77 -12.31
CA ILE B 315 13.07 12.57 -12.26
C ILE B 315 11.94 12.74 -11.24
N SER B 316 12.27 13.13 -10.01
CA SER B 316 11.26 13.25 -8.95
C SER B 316 10.29 14.42 -9.17
N THR B 317 10.82 15.57 -9.57
CA THR B 317 10.00 16.75 -9.86
C THR B 317 9.04 16.52 -11.02
N ALA B 318 9.51 15.92 -12.12
CA ALA B 318 8.64 15.78 -13.28
C ALA B 318 7.52 14.80 -13.00
N SER B 319 7.85 13.60 -12.52
CA SER B 319 6.87 12.54 -12.37
C SER B 319 6.15 12.57 -11.04
N GLY B 320 6.68 13.27 -10.05
CA GLY B 320 6.04 13.29 -8.77
C GLY B 320 4.65 13.90 -8.83
N ASP B 321 3.79 13.43 -7.92
CA ASP B 321 2.40 13.80 -7.82
C ASP B 321 2.16 14.67 -6.60
N GLY B 322 3.19 14.98 -5.84
CA GLY B 322 3.06 15.68 -4.57
C GLY B 322 2.74 14.83 -3.36
N ARG B 323 2.46 13.54 -3.52
CA ARG B 323 2.27 12.67 -2.38
C ARG B 323 3.59 12.24 -1.76
N HIS B 324 4.72 12.35 -2.47
CA HIS B 324 6.04 11.97 -1.99
C HIS B 324 7.10 12.88 -2.61
N TYR B 325 8.23 12.99 -1.92
CA TYR B 325 9.27 13.96 -2.27
C TYR B 325 10.63 13.29 -2.23
N CYS B 326 11.62 13.92 -2.90
CA CYS B 326 13.02 13.48 -2.87
C CYS B 326 13.82 14.43 -2.01
N TYR B 327 14.65 13.85 -1.12
CA TYR B 327 15.45 14.59 -0.13
C TYR B 327 16.92 14.37 -0.47
N PRO B 328 17.49 15.17 -1.33
CA PRO B 328 18.90 14.98 -1.71
C PRO B 328 19.85 15.35 -0.57
N HIS B 329 20.88 14.52 -0.38
CA HIS B 329 21.97 14.85 0.52
C HIS B 329 23.27 14.40 -0.08
N PHE B 330 24.33 15.13 0.22
CA PHE B 330 25.69 14.79 -0.23
C PHE B 330 26.41 14.18 0.98
N THR B 331 27.01 13.01 0.80
CA THR B 331 27.55 12.34 1.98
C THR B 331 28.82 11.56 1.63
N CYS B 332 29.55 11.20 2.69
CA CYS B 332 30.65 10.24 2.65
C CYS B 332 30.45 9.24 3.78
N SER B 333 31.13 8.10 3.66
CA SER B 333 31.16 7.10 4.73
C SER B 333 31.57 7.67 6.07
N VAL B 334 32.52 8.61 6.06
CA VAL B 334 32.96 9.24 7.30
C VAL B 334 31.93 10.16 7.94
N ASP B 335 30.81 10.44 7.27
CA ASP B 335 29.81 11.36 7.82
C ASP B 335 29.12 10.78 9.05
N THR B 336 29.45 11.36 10.21
CA THR B 336 28.76 10.99 11.44
C THR B 336 27.28 11.44 11.41
N GLU B 337 26.99 12.49 10.64
CA GLU B 337 25.69 13.15 10.63
C GLU B 337 24.62 12.46 9.80
N ASN B 338 24.90 11.30 9.20
CA ASN B 338 23.92 10.68 8.31
C ASN B 338 22.69 10.21 9.06
N ALA B 339 22.82 9.78 10.30
CA ALA B 339 21.63 9.52 11.13
C ALA B 339 20.84 10.78 11.39
N ARG B 340 21.53 11.91 11.64
CA ARG B 340 20.86 13.20 11.78
C ARG B 340 20.13 13.62 10.53
N ARG B 341 20.74 13.40 9.36
CA ARG B 341 20.07 13.64 8.08
C ARG B 341 18.79 12.82 7.96
N ILE B 342 18.87 11.52 8.24
CA ILE B 342 17.68 10.66 8.17
C ILE B 342 16.61 11.09 9.17
N PHE B 343 17.01 11.48 10.38
CA PHE B 343 16.05 12.05 11.32
C PHE B 343 15.35 13.27 10.75
N ASN B 344 16.13 14.23 10.25
CA ASN B 344 15.57 15.46 9.67
C ASN B 344 14.66 15.20 8.48
N ASP B 345 15.04 14.29 7.60
CA ASP B 345 14.21 13.91 6.45
C ASP B 345 12.95 13.19 6.87
N CYS B 346 13.02 12.23 7.78
CA CYS B 346 11.79 11.56 8.22
C CYS B 346 10.85 12.51 8.94
N ARG B 347 11.40 13.38 9.78
CA ARG B 347 10.61 14.48 10.36
C ARG B 347 9.89 15.29 9.29
N ASP B 348 10.62 15.75 8.26
CA ASP B 348 10.00 16.57 7.23
C ASP B 348 9.01 15.80 6.38
N ILE B 349 9.25 14.50 6.16
CA ILE B 349 8.32 13.68 5.41
C ILE B 349 7.00 13.56 6.14
N ILE B 350 7.05 13.23 7.44
CA ILE B 350 5.82 13.07 8.22
C ILE B 350 5.10 14.41 8.41
N GLN B 351 5.87 15.47 8.57
CA GLN B 351 5.31 16.82 8.54
C GLN B 351 4.60 17.13 7.25
N ARG B 352 5.23 16.88 6.11
CA ARG B 352 4.59 17.17 4.83
C ARG B 352 3.35 16.30 4.64
N MET B 353 3.41 15.04 5.07
CA MET B 353 2.24 14.15 5.04
C MET B 353 1.06 14.69 5.83
N HIS B 354 1.29 15.05 7.09
CA HIS B 354 0.23 15.63 7.93
C HIS B 354 -0.21 17.01 7.43
N LEU B 355 0.71 17.89 7.04
CA LEU B 355 0.34 19.21 6.51
C LEU B 355 -0.46 19.13 5.22
N ARG B 356 -0.23 18.11 4.39
CA ARG B 356 -1.16 17.88 3.28
C ARG B 356 -2.49 17.40 3.80
N GLN B 357 -2.47 16.44 4.72
CA GLN B 357 -3.71 15.91 5.27
C GLN B 357 -4.55 17.01 5.91
N TYR B 358 -3.92 17.97 6.57
CA TYR B 358 -4.65 19.11 7.12
C TYR B 358 -4.84 20.21 6.11
N GLU B 359 -4.49 19.96 4.84
CA GLU B 359 -4.62 20.95 3.77
C GLU B 359 -3.92 22.27 4.08
N LEU B 360 -2.82 22.22 4.83
CA LEU B 360 -2.00 23.40 5.00
C LEU B 360 -0.90 23.47 3.96
N LEU B 361 -0.62 22.35 3.28
CA LEU B 361 0.46 22.30 2.29
C LEU B 361 0.00 21.50 1.09
N GLN C 23 3.53 -17.84 -26.36
CA GLN C 23 4.66 -17.64 -25.44
C GLN C 23 5.31 -16.28 -25.68
N VAL C 24 5.65 -15.60 -24.59
CA VAL C 24 6.34 -14.31 -24.70
C VAL C 24 7.71 -14.54 -25.34
N GLN C 25 7.97 -13.85 -26.44
CA GLN C 25 9.24 -13.99 -27.17
C GLN C 25 9.59 -12.65 -27.81
N LEU C 26 10.89 -12.36 -27.87
CA LEU C 26 11.40 -11.07 -28.34
C LEU C 26 12.53 -11.31 -29.34
N GLN C 27 12.20 -12.00 -30.44
CA GLN C 27 13.19 -12.29 -31.45
C GLN C 27 13.66 -10.99 -32.13
N GLU C 28 14.97 -10.86 -32.30
CA GLU C 28 15.63 -9.59 -32.57
C GLU C 28 16.67 -9.75 -33.68
N SER C 29 16.77 -8.74 -34.55
CA SER C 29 17.62 -8.81 -35.72
C SER C 29 18.02 -7.41 -36.17
N GLY C 30 19.12 -7.34 -36.90
CA GLY C 30 19.71 -6.10 -37.37
C GLY C 30 21.14 -5.86 -36.95
N GLY C 31 21.75 -6.74 -36.17
CA GLY C 31 23.14 -6.61 -35.77
C GLY C 31 24.11 -6.93 -36.92
N GLY C 32 25.39 -6.92 -36.58
CA GLY C 32 26.45 -7.23 -37.52
C GLY C 32 27.72 -6.42 -37.21
N LEU C 33 28.41 -5.99 -38.28
CA LEU C 33 29.61 -5.17 -38.17
C LEU C 33 29.45 -3.88 -38.94
N VAL C 34 29.91 -2.78 -38.36
CA VAL C 34 29.81 -1.47 -38.98
C VAL C 34 31.13 -0.73 -38.80
N GLN C 35 31.33 0.23 -39.67
CA GLN C 35 32.42 1.17 -39.54
C GLN C 35 32.08 2.26 -38.52
N PRO C 36 33.06 2.75 -37.79
CA PRO C 36 32.86 3.96 -37.00
C PRO C 36 32.23 5.09 -37.80
N GLY C 37 31.20 5.71 -37.22
CA GLY C 37 30.39 6.68 -37.92
C GLY C 37 29.27 6.10 -38.73
N GLY C 38 29.24 4.79 -38.89
CA GLY C 38 28.18 4.15 -39.65
C GLY C 38 26.84 4.15 -38.96
N SER C 39 25.83 3.80 -39.72
CA SER C 39 24.44 3.78 -39.28
C SER C 39 23.92 2.34 -39.30
N LEU C 40 23.06 2.04 -38.34
CA LEU C 40 22.50 0.70 -38.25
C LEU C 40 21.07 0.79 -37.77
N ARG C 41 20.32 -0.30 -37.98
CA ARG C 41 18.89 -0.36 -37.67
C ARG C 41 18.56 -1.72 -37.02
N LEU C 42 18.56 -1.74 -35.69
CA LEU C 42 18.08 -2.90 -34.95
C LEU C 42 16.55 -2.96 -34.96
N SER C 43 16.05 -4.19 -34.92
CA SER C 43 14.64 -4.48 -34.97
C SER C 43 14.31 -5.65 -34.03
N CYS C 44 13.11 -5.62 -33.44
CA CYS C 44 12.73 -6.61 -32.44
C CYS C 44 11.27 -6.98 -32.68
N ALA C 45 11.03 -8.19 -33.22
CA ALA C 45 9.69 -8.71 -33.49
C ALA C 45 9.11 -9.29 -32.21
N ALA C 46 8.44 -8.43 -31.44
CA ALA C 46 7.74 -8.84 -30.24
C ALA C 46 6.56 -9.74 -30.58
N SER C 47 6.36 -10.78 -29.77
CA SER C 47 5.26 -11.71 -29.96
C SER C 47 4.86 -12.32 -28.62
N GLY C 48 3.59 -12.73 -28.55
CA GLY C 48 3.02 -13.34 -27.38
C GLY C 48 2.53 -12.41 -26.30
N PHE C 49 2.50 -11.11 -26.55
CA PHE C 49 1.94 -10.15 -25.61
C PHE C 49 1.31 -8.98 -26.35
N THR C 50 0.41 -8.30 -25.64
CA THR C 50 -0.34 -7.16 -26.16
C THR C 50 0.55 -5.93 -26.25
N PHE C 51 1.40 -5.96 -27.27
CA PHE C 51 2.56 -5.07 -27.41
C PHE C 51 2.22 -3.61 -27.15
N SER C 52 1.08 -3.12 -27.64
CA SER C 52 0.64 -1.74 -27.38
C SER C 52 0.56 -1.39 -25.88
N ASN C 53 0.32 -2.38 -25.03
CA ASN C 53 0.21 -2.11 -23.60
C ASN C 53 1.55 -1.95 -22.86
N TYR C 54 2.68 -2.25 -23.48
CA TYR C 54 3.93 -2.34 -22.74
C TYR C 54 4.95 -1.30 -23.14
N LYS C 55 5.54 -0.67 -22.14
CA LYS C 55 6.68 0.21 -22.30
C LYS C 55 7.89 -0.63 -22.67
N MET C 56 8.55 -0.25 -23.77
CA MET C 56 9.61 -1.05 -24.39
C MET C 56 10.97 -0.38 -24.22
N ASN C 57 11.96 -1.19 -23.86
CA ASN C 57 13.32 -0.74 -23.59
C ASN C 57 14.31 -1.44 -24.52
N TRP C 58 15.37 -0.74 -24.89
CA TRP C 58 16.59 -1.37 -25.35
C TRP C 58 17.64 -1.39 -24.23
N VAL C 59 18.35 -2.53 -24.16
CA VAL C 59 19.47 -2.69 -23.22
C VAL C 59 20.63 -3.36 -23.98
N ARG C 60 21.85 -3.04 -23.56
CA ARG C 60 23.03 -3.59 -24.22
C ARG C 60 24.04 -4.02 -23.17
N GLN C 61 24.78 -5.07 -23.51
CA GLN C 61 25.88 -5.55 -22.70
C GLN C 61 27.18 -5.49 -23.51
N ALA C 62 27.99 -4.46 -23.28
CA ALA C 62 29.34 -4.41 -23.83
C ALA C 62 30.18 -5.55 -23.23
N PRO C 63 31.13 -6.09 -23.95
CA PRO C 63 31.84 -7.29 -23.50
C PRO C 63 32.44 -7.10 -22.11
N GLY C 64 32.11 -8.05 -21.22
CA GLY C 64 32.59 -8.03 -19.86
C GLY C 64 31.96 -7.00 -18.97
N LYS C 65 31.11 -6.12 -19.50
CA LYS C 65 30.42 -5.09 -18.73
C LYS C 65 29.02 -5.55 -18.34
N GLY C 66 28.33 -4.71 -17.56
CA GLY C 66 26.96 -4.97 -17.20
C GLY C 66 25.96 -4.64 -18.30
N LEU C 67 24.69 -4.91 -17.99
CA LEU C 67 23.58 -4.54 -18.88
C LEU C 67 23.32 -3.04 -18.81
N GLU C 68 24.01 -2.30 -19.66
CA GLU C 68 23.69 -0.89 -19.83
C GLU C 68 22.33 -0.72 -20.51
N TRP C 69 21.38 -0.07 -19.81
CA TRP C 69 20.15 0.41 -20.46
C TRP C 69 20.51 1.41 -21.56
N VAL C 70 19.70 1.44 -22.65
CA VAL C 70 20.02 2.22 -23.85
C VAL C 70 18.92 3.22 -24.18
N SER C 71 17.68 2.77 -24.23
CA SER C 71 16.58 3.69 -24.58
C SER C 71 15.27 3.11 -24.13
N ASP C 72 14.24 3.97 -24.13
CA ASP C 72 12.94 3.63 -23.58
C ASP C 72 11.90 4.33 -24.45
N ILE C 73 10.79 3.65 -24.75
CA ILE C 73 9.65 4.24 -25.45
C ILE C 73 8.36 3.85 -24.76
N SER C 74 7.51 4.83 -24.51
CA SER C 74 6.22 4.62 -23.90
C SER C 74 5.28 3.85 -24.82
N GLN C 75 4.19 3.40 -24.19
CA GLN C 75 3.13 2.63 -24.87
C GLN C 75 2.74 3.23 -26.21
N SER C 76 2.43 4.52 -26.23
CA SER C 76 1.97 5.18 -27.45
C SER C 76 3.14 5.73 -28.28
N GLY C 77 4.36 5.69 -27.75
CA GLY C 77 5.47 6.41 -28.33
C GLY C 77 5.50 7.89 -28.04
N ALA C 78 4.51 8.39 -27.30
CA ALA C 78 4.44 9.81 -26.96
C ALA C 78 5.53 10.22 -26.01
N SER C 79 6.27 9.27 -25.42
CA SER C 79 7.46 9.61 -24.65
C SER C 79 8.59 8.63 -24.94
N ILE C 80 9.80 9.18 -24.97
CA ILE C 80 11.03 8.46 -25.28
C ILE C 80 12.14 8.95 -24.36
N SER C 81 13.13 8.09 -24.11
CA SER C 81 14.26 8.48 -23.27
C SER C 81 15.48 7.67 -23.68
N TYR C 82 16.64 8.19 -23.37
CA TYR C 82 17.89 7.63 -23.81
C TYR C 82 18.96 7.82 -22.75
N THR C 83 19.99 6.99 -22.79
CA THR C 83 21.23 7.26 -22.08
C THR C 83 22.08 8.27 -22.84
N GLY C 84 22.82 9.08 -22.09
CA GLY C 84 23.51 10.19 -22.70
C GLY C 84 24.58 9.73 -23.67
N SER C 85 25.11 8.51 -23.46
CA SER C 85 26.06 7.91 -24.41
C SER C 85 25.46 7.71 -25.81
N VAL C 86 24.14 7.61 -25.91
CA VAL C 86 23.48 7.45 -27.20
C VAL C 86 22.51 8.58 -27.52
N LYS C 87 22.19 9.45 -26.57
CA LYS C 87 21.01 10.30 -26.66
C LYS C 87 20.98 11.07 -27.97
N GLY C 88 22.09 11.67 -28.37
CA GLY C 88 22.05 12.45 -29.58
C GLY C 88 22.12 11.71 -30.89
N ARG C 89 22.17 10.42 -30.84
CA ARG C 89 22.68 9.54 -31.88
C ARG C 89 21.72 8.44 -32.27
N PHE C 90 21.08 7.80 -31.29
CA PHE C 90 20.13 6.72 -31.55
C PHE C 90 18.72 7.27 -31.49
N THR C 91 17.82 6.69 -32.27
CA THR C 91 16.41 7.00 -32.12
C THR C 91 15.62 5.71 -31.97
N ILE C 92 14.86 5.61 -30.89
CA ILE C 92 13.97 4.47 -30.63
C ILE C 92 12.58 4.75 -31.20
N SER C 93 11.99 3.75 -31.85
CA SER C 93 10.64 3.88 -32.39
C SER C 93 9.95 2.53 -32.36
N ARG C 94 8.63 2.55 -32.42
CA ARG C 94 7.82 1.36 -32.40
C ARG C 94 6.68 1.49 -33.39
N ASP C 95 6.28 0.35 -33.98
CA ASP C 95 5.01 0.21 -34.71
C ASP C 95 4.15 -0.82 -33.95
N ASN C 96 3.06 -0.33 -33.35
CA ASN C 96 2.18 -1.17 -32.52
C ASN C 96 1.26 -2.08 -33.32
N ALA C 97 1.18 -1.90 -34.65
CA ALA C 97 0.47 -2.88 -35.47
C ALA C 97 1.41 -4.01 -35.90
N LYS C 98 2.67 -3.69 -36.21
CA LYS C 98 3.64 -4.72 -36.56
C LYS C 98 4.15 -5.47 -35.35
N ASN C 99 3.96 -4.93 -34.14
CA ASN C 99 4.64 -5.41 -32.93
C ASN C 99 6.16 -5.42 -33.12
N THR C 100 6.69 -4.36 -33.72
CA THR C 100 8.11 -4.22 -33.95
C THR C 100 8.63 -3.04 -33.16
N LEU C 101 9.73 -3.26 -32.43
CA LEU C 101 10.50 -2.20 -31.81
C LEU C 101 11.78 -1.96 -32.59
N TYR C 102 12.12 -0.69 -32.82
CA TYR C 102 13.27 -0.33 -33.61
C TYR C 102 14.26 0.50 -32.80
N LEU C 103 15.53 0.45 -33.20
CA LEU C 103 16.57 1.36 -32.74
C LEU C 103 17.45 1.68 -33.95
N GLN C 104 17.30 2.86 -34.53
CA GLN C 104 18.25 3.39 -35.50
C GLN C 104 19.48 3.96 -34.80
N MET C 105 20.67 3.63 -35.31
CA MET C 105 21.94 3.95 -34.66
C MET C 105 22.81 4.80 -35.59
N ASN C 106 22.49 6.10 -35.71
CA ASN C 106 22.91 6.89 -36.87
C ASN C 106 24.41 7.14 -36.94
N SER C 107 25.13 7.00 -35.83
CA SER C 107 26.53 7.44 -35.79
C SER C 107 27.34 6.54 -34.86
N LEU C 108 27.32 5.24 -35.15
CA LEU C 108 27.92 4.24 -34.29
C LEU C 108 29.38 4.54 -33.96
N LYS C 109 29.75 4.13 -32.76
CA LYS C 109 31.08 4.31 -32.20
C LYS C 109 31.56 2.96 -31.66
N PRO C 110 32.88 2.77 -31.52
CA PRO C 110 33.40 1.58 -30.87
C PRO C 110 32.89 1.39 -29.45
N GLU C 111 32.47 2.46 -28.77
CA GLU C 111 31.84 2.35 -27.45
C GLU C 111 30.53 1.57 -27.50
N ASP C 112 29.87 1.55 -28.66
CA ASP C 112 28.57 0.89 -28.82
C ASP C 112 28.64 -0.62 -29.02
N THR C 113 29.83 -1.20 -29.13
CA THR C 113 29.91 -2.64 -29.39
C THR C 113 29.36 -3.42 -28.21
N ALA C 114 28.27 -4.16 -28.44
CA ALA C 114 27.57 -4.89 -27.39
C ALA C 114 26.65 -5.91 -28.03
N VAL C 115 26.23 -6.90 -27.23
CA VAL C 115 24.97 -7.61 -27.48
C VAL C 115 23.83 -6.71 -27.00
N TYR C 116 23.03 -6.24 -27.95
CA TYR C 116 21.82 -5.50 -27.62
C TYR C 116 20.67 -6.44 -27.34
N TYR C 117 19.69 -5.93 -26.57
CA TYR C 117 18.53 -6.74 -26.20
C TYR C 117 17.34 -5.79 -26.12
N CYS C 118 16.26 -6.07 -26.88
CA CYS C 118 14.99 -5.42 -26.56
C CYS C 118 14.42 -6.04 -25.30
N ALA C 119 14.14 -5.17 -24.33
CA ALA C 119 13.59 -5.61 -23.05
C ALA C 119 12.24 -4.95 -22.83
N ARG C 120 11.21 -5.76 -22.59
CA ARG C 120 9.89 -5.25 -22.26
C ARG C 120 9.81 -4.90 -20.79
N CYS C 121 9.03 -3.87 -20.47
CA CYS C 121 8.65 -3.62 -19.09
C CYS C 121 7.94 -4.85 -18.51
N PRO C 122 8.05 -5.09 -17.22
CA PRO C 122 7.41 -6.28 -16.66
C PRO C 122 5.90 -6.29 -16.78
N ALA C 123 5.25 -5.23 -16.35
CA ALA C 123 3.81 -5.21 -16.31
C ALA C 123 3.23 -4.24 -17.33
N PRO C 124 2.07 -4.51 -17.89
CA PRO C 124 1.44 -3.54 -18.80
C PRO C 124 0.94 -2.31 -18.06
N PHE C 125 0.68 -1.26 -18.83
CA PHE C 125 0.09 -0.02 -18.33
C PHE C 125 0.88 0.55 -17.15
N THR C 126 2.17 0.32 -17.13
CA THR C 126 2.98 0.59 -15.93
C THR C 126 4.16 1.46 -16.32
N ARG C 127 4.48 2.42 -15.45
CA ARG C 127 5.56 3.38 -15.75
C ARG C 127 6.93 2.97 -15.21
N ASP C 128 7.02 2.16 -14.17
CA ASP C 128 8.31 1.68 -13.65
C ASP C 128 8.78 0.43 -14.40
N CYS C 129 9.82 0.60 -15.21
CA CYS C 129 10.55 -0.49 -15.87
C CYS C 129 11.59 -1.13 -14.94
N PHE C 130 11.15 -1.72 -13.84
CA PHE C 130 12.04 -2.56 -13.03
C PHE C 130 12.64 -3.73 -13.81
N ASP C 131 13.83 -4.15 -13.38
CA ASP C 131 14.48 -5.42 -13.70
C ASP C 131 14.89 -5.61 -15.16
N VAL C 132 14.67 -4.63 -16.03
CA VAL C 132 14.98 -4.80 -17.45
C VAL C 132 16.47 -4.99 -17.67
N THR C 133 17.31 -4.50 -16.76
CA THR C 133 18.74 -4.73 -16.79
C THR C 133 19.17 -5.96 -16.00
N SER C 134 18.26 -6.66 -15.30
CA SER C 134 18.67 -7.76 -14.44
C SER C 134 19.33 -8.88 -15.24
N THR C 135 20.35 -9.49 -14.65
CA THR C 135 21.24 -10.40 -15.36
C THR C 135 20.47 -11.56 -15.97
N THR C 136 19.50 -12.11 -15.23
CA THR C 136 18.49 -12.99 -15.81
C THR C 136 17.12 -12.35 -15.69
N TYR C 137 16.48 -12.11 -16.83
CA TYR C 137 15.18 -11.47 -16.85
C TYR C 137 14.39 -12.09 -17.99
N ALA C 138 13.13 -12.43 -17.71
CA ALA C 138 12.37 -13.28 -18.63
C ALA C 138 11.99 -12.55 -19.91
N TYR C 139 11.54 -11.30 -19.79
CA TYR C 139 10.95 -10.56 -20.90
C TYR C 139 11.98 -9.75 -21.68
N ARG C 140 13.05 -10.46 -22.08
CA ARG C 140 14.10 -9.83 -22.83
C ARG C 140 14.61 -10.79 -23.89
N GLY C 141 14.97 -10.26 -25.05
CA GLY C 141 15.42 -11.08 -26.15
C GLY C 141 16.71 -11.82 -25.89
N GLN C 142 17.01 -12.75 -26.81
CA GLN C 142 18.32 -13.38 -26.85
C GLN C 142 19.38 -12.43 -27.35
N GLY C 143 19.00 -11.40 -28.11
CA GLY C 143 19.83 -10.25 -28.39
C GLY C 143 20.64 -10.38 -29.66
N THR C 144 20.95 -9.21 -30.24
CA THR C 144 21.78 -9.05 -31.43
C THR C 144 23.15 -8.46 -31.06
N GLN C 145 24.23 -9.09 -31.53
CA GLN C 145 25.56 -8.48 -31.42
C GLN C 145 25.72 -7.34 -32.42
N VAL C 146 26.11 -6.16 -31.92
CA VAL C 146 26.68 -5.10 -32.77
C VAL C 146 28.19 -5.03 -32.56
N THR C 147 28.95 -5.01 -33.66
CA THR C 147 30.39 -4.77 -33.61
C THR C 147 30.73 -3.59 -34.51
N VAL C 148 31.77 -2.85 -34.12
CA VAL C 148 32.22 -1.65 -34.85
C VAL C 148 33.72 -1.70 -34.99
N SER C 149 34.19 -1.47 -36.23
CA SER C 149 35.59 -1.65 -36.57
C SER C 149 36.48 -0.75 -35.71
N GLU D 8 28.23 -25.79 -30.86
CA GLU D 8 28.03 -24.45 -30.33
C GLU D 8 26.60 -24.28 -29.76
N LEU D 9 26.45 -23.22 -28.97
CA LEU D 9 25.18 -22.97 -28.30
C LEU D 9 24.04 -22.76 -29.30
N ASP D 10 24.33 -22.21 -30.48
CA ASP D 10 23.31 -21.97 -31.49
C ASP D 10 22.59 -23.23 -31.92
N GLN D 11 23.29 -24.37 -31.93
CA GLN D 11 22.64 -25.64 -32.23
C GLN D 11 21.65 -26.06 -31.16
N LEU D 12 22.00 -25.86 -29.89
CA LEU D 12 21.05 -26.13 -28.82
C LEU D 12 19.87 -25.16 -28.82
N ARG D 13 20.13 -23.89 -29.08
CA ARG D 13 19.07 -22.90 -29.20
C ARG D 13 18.12 -23.23 -30.35
N GLN D 14 18.67 -23.70 -31.48
CA GLN D 14 17.84 -24.17 -32.58
C GLN D 14 17.04 -25.42 -32.24
N GLU D 15 17.65 -26.39 -31.54
CA GLU D 15 16.89 -27.57 -31.10
C GLU D 15 15.81 -27.21 -30.10
N ALA D 16 16.09 -26.27 -29.19
CA ALA D 16 15.06 -25.75 -28.30
C ALA D 16 13.93 -25.08 -29.07
N GLU D 17 14.25 -24.30 -30.08
CA GLU D 17 13.22 -23.74 -30.97
C GLU D 17 12.42 -24.83 -31.68
N GLN D 18 13.09 -25.88 -32.13
CA GLN D 18 12.41 -26.98 -32.78
C GLN D 18 11.44 -27.67 -31.83
N LEU D 19 11.89 -27.98 -30.61
CA LEU D 19 11.01 -28.63 -29.63
C LEU D 19 9.88 -27.70 -29.19
N LYS D 20 10.16 -26.41 -29.06
CA LYS D 20 9.12 -25.41 -28.78
C LYS D 20 8.06 -25.36 -29.87
N ASN D 21 8.49 -25.35 -31.13
CA ASN D 21 7.54 -25.44 -32.25
C ASN D 21 6.76 -26.75 -32.25
N GLN D 22 7.44 -27.85 -31.97
CA GLN D 22 6.75 -29.14 -31.84
C GLN D 22 5.69 -29.14 -30.72
N ILE D 23 6.02 -28.59 -29.56
CA ILE D 23 5.07 -28.46 -28.47
C ILE D 23 3.88 -27.58 -28.85
N ARG D 24 4.15 -26.45 -29.48
CA ARG D 24 3.06 -25.58 -29.93
C ARG D 24 2.17 -26.27 -30.95
N ASP D 25 2.76 -26.97 -31.91
CA ASP D 25 1.95 -27.73 -32.88
C ASP D 25 1.12 -28.82 -32.21
N ALA D 26 1.69 -29.53 -31.25
CA ALA D 26 0.94 -30.56 -30.53
C ALA D 26 -0.20 -29.96 -29.72
N ARG D 27 0.03 -28.83 -29.08
CA ARG D 27 -1.04 -28.13 -28.36
C ARG D 27 -2.14 -27.68 -29.31
N LYS D 28 -1.76 -27.10 -30.46
CA LYS D 28 -2.76 -26.75 -31.48
C LYS D 28 -3.51 -27.95 -32.04
N ALA D 29 -2.86 -29.10 -32.15
CA ALA D 29 -3.53 -30.31 -32.58
C ALA D 29 -4.50 -30.88 -31.53
N CYS D 30 -4.30 -30.57 -30.24
CA CYS D 30 -5.27 -30.93 -29.20
C CYS D 30 -6.37 -29.92 -29.04
N ALA D 31 -6.19 -28.70 -29.54
CA ALA D 31 -7.19 -27.65 -29.43
C ALA D 31 -8.37 -27.86 -30.36
N ASP D 32 -8.99 -29.05 -30.30
CA ASP D 32 -10.13 -29.34 -31.15
C ASP D 32 -11.34 -28.50 -30.74
N ALA D 33 -11.34 -27.93 -29.53
CA ALA D 33 -12.45 -27.10 -29.11
C ALA D 33 -11.93 -26.08 -28.10
N THR D 34 -12.79 -25.16 -27.74
CA THR D 34 -12.52 -24.26 -26.63
C THR D 34 -13.65 -24.30 -25.64
N LEU D 35 -13.29 -24.09 -24.37
CA LEU D 35 -14.25 -24.20 -23.27
C LEU D 35 -15.39 -23.20 -23.40
N SER D 36 -15.16 -22.08 -24.05
CA SER D 36 -16.24 -21.13 -24.33
C SER D 36 -17.32 -21.75 -25.18
N GLN D 37 -16.93 -22.53 -26.18
CA GLN D 37 -17.90 -23.21 -27.04
C GLN D 37 -18.64 -24.31 -26.29
N ILE D 38 -17.91 -25.13 -25.55
CA ILE D 38 -18.52 -26.24 -24.80
C ILE D 38 -19.40 -25.73 -23.66
N THR D 39 -19.02 -24.60 -23.03
CA THR D 39 -19.86 -24.00 -22.00
C THR D 39 -21.04 -23.19 -22.58
N ASN D 40 -21.15 -23.08 -23.92
CA ASN D 40 -22.32 -22.41 -24.52
C ASN D 40 -23.65 -23.08 -24.22
N ASN D 41 -23.65 -24.37 -23.89
CA ASN D 41 -24.89 -25.12 -23.63
C ASN D 41 -25.35 -25.11 -22.17
N ILE D 42 -24.61 -24.53 -21.23
CA ILE D 42 -24.92 -24.65 -19.80
C ILE D 42 -25.20 -23.28 -19.20
N ASP D 43 -26.18 -23.26 -18.30
CA ASP D 43 -26.75 -22.02 -17.79
C ASP D 43 -25.78 -21.19 -16.94
N PRO D 44 -25.90 -19.87 -17.00
CA PRO D 44 -24.99 -19.00 -16.25
C PRO D 44 -25.28 -19.06 -14.76
N VAL D 45 -24.23 -18.77 -13.99
CA VAL D 45 -24.28 -18.74 -12.53
C VAL D 45 -24.98 -17.51 -11.95
N GLY D 46 -25.33 -16.53 -12.78
CA GLY D 46 -26.04 -15.36 -12.29
C GLY D 46 -25.15 -14.42 -11.50
N ARG D 47 -25.80 -13.41 -10.91
CA ARG D 47 -25.11 -12.43 -10.09
C ARG D 47 -24.80 -13.07 -8.74
N ILE D 48 -23.53 -13.41 -8.52
CA ILE D 48 -23.11 -14.02 -7.24
C ILE D 48 -22.74 -12.88 -6.29
N GLN D 49 -23.78 -12.32 -5.65
CA GLN D 49 -23.53 -11.41 -4.54
C GLN D 49 -23.09 -12.15 -3.28
N MET D 50 -22.13 -11.56 -2.58
CA MET D 50 -21.80 -12.02 -1.24
C MET D 50 -21.35 -10.85 -0.37
N ARG D 51 -21.53 -11.04 0.94
CA ARG D 51 -21.43 -9.98 1.94
C ARG D 51 -20.33 -10.33 2.95
N THR D 52 -19.69 -9.28 3.45
CA THR D 52 -18.69 -9.43 4.51
C THR D 52 -19.40 -9.86 5.79
N ARG D 53 -19.38 -11.17 6.05
CA ARG D 53 -20.04 -11.68 7.26
C ARG D 53 -19.24 -11.33 8.50
N ARG D 54 -17.92 -11.43 8.40
CA ARG D 54 -16.97 -11.22 9.50
C ARG D 54 -15.81 -10.36 8.98
N THR D 55 -15.37 -9.39 9.78
CA THR D 55 -14.21 -8.57 9.46
C THR D 55 -13.21 -8.61 10.61
N LEU D 56 -11.92 -8.83 10.27
CA LEU D 56 -10.91 -9.15 11.27
C LEU D 56 -9.91 -8.00 11.39
N ARG D 57 -9.96 -7.33 12.53
CA ARG D 57 -9.40 -6.01 12.70
C ARG D 57 -8.01 -6.03 13.28
N GLY D 58 -7.42 -7.23 13.47
CA GLY D 58 -6.33 -7.36 14.42
C GLY D 58 -4.96 -6.88 13.98
N HIS D 59 -4.68 -6.89 12.67
CA HIS D 59 -3.34 -6.54 12.18
C HIS D 59 -3.08 -5.04 12.18
N LEU D 60 -1.78 -4.70 12.35
CA LEU D 60 -1.29 -3.33 12.37
C LEU D 60 -0.91 -2.86 10.99
N ALA D 61 -0.40 -3.76 10.16
CA ALA D 61 0.10 -3.42 8.83
C ALA D 61 -0.62 -4.28 7.80
N LYS D 62 -0.25 -4.06 6.54
CA LYS D 62 -0.78 -4.83 5.44
C LYS D 62 -0.60 -6.33 5.63
N ILE D 63 -1.67 -7.09 5.35
CA ILE D 63 -1.60 -8.55 5.24
C ILE D 63 -1.02 -8.91 3.88
N TYR D 64 0.04 -9.72 3.88
CA TYR D 64 0.61 -10.19 2.62
C TYR D 64 0.09 -11.56 2.24
N ALA D 65 -0.28 -12.42 3.20
CA ALA D 65 -0.69 -13.78 2.87
C ALA D 65 -1.67 -14.27 3.92
N MET D 66 -2.47 -15.27 3.55
CA MET D 66 -3.47 -15.84 4.43
C MET D 66 -3.80 -17.26 3.97
N HIS D 67 -4.13 -18.13 4.92
CA HIS D 67 -4.39 -19.53 4.55
C HIS D 67 -5.31 -20.20 5.58
N TRP D 68 -6.32 -20.92 5.08
CA TRP D 68 -7.26 -21.66 5.91
C TRP D 68 -6.71 -23.01 6.35
N GLY D 69 -7.09 -23.43 7.55
CA GLY D 69 -6.88 -24.80 8.04
C GLY D 69 -7.77 -25.80 7.33
N THR D 70 -7.44 -27.09 7.50
CA THR D 70 -8.23 -28.17 6.89
C THR D 70 -9.66 -28.24 7.44
N ASP D 71 -9.80 -28.31 8.77
CA ASP D 71 -11.06 -28.03 9.44
C ASP D 71 -11.26 -26.53 9.36
N SER D 72 -11.94 -26.08 8.29
CA SER D 72 -11.72 -24.75 7.71
C SER D 72 -12.47 -23.69 8.50
N ARG D 73 -12.07 -23.57 9.75
CA ARG D 73 -12.54 -22.59 10.73
C ARG D 73 -11.44 -21.67 11.19
N LEU D 74 -10.24 -22.22 11.44
CA LEU D 74 -9.09 -21.42 11.82
C LEU D 74 -8.41 -20.85 10.57
N LEU D 75 -7.91 -19.62 10.72
CA LEU D 75 -7.40 -18.88 9.57
C LEU D 75 -6.13 -18.17 10.03
N VAL D 76 -4.97 -18.58 9.50
CA VAL D 76 -3.73 -17.84 9.67
C VAL D 76 -3.70 -16.63 8.73
N SER D 77 -3.14 -15.53 9.21
CA SER D 77 -2.95 -14.34 8.38
C SER D 77 -1.64 -13.67 8.73
N ALA D 78 -0.86 -13.34 7.72
CA ALA D 78 0.53 -12.90 7.91
C ALA D 78 0.67 -11.46 7.43
N SER D 79 1.11 -10.59 8.33
CA SER D 79 1.22 -9.16 8.04
C SER D 79 2.64 -8.69 8.30
N GLN D 80 3.04 -7.70 7.53
CA GLN D 80 4.40 -7.19 7.57
C GLN D 80 4.66 -6.22 8.73
N ASP D 81 3.81 -6.25 9.75
CA ASP D 81 4.14 -5.77 11.08
C ASP D 81 4.87 -6.84 11.87
N GLY D 82 4.96 -8.05 11.31
CA GLY D 82 5.62 -9.16 11.96
C GLY D 82 4.75 -10.02 12.82
N LYS D 83 3.49 -10.20 12.46
CA LYS D 83 2.58 -11.09 13.16
C LYS D 83 2.03 -12.15 12.21
N LEU D 84 1.94 -13.37 12.72
CA LEU D 84 0.95 -14.30 12.24
C LEU D 84 -0.17 -14.28 13.27
N ILE D 85 -1.37 -13.91 12.83
CA ILE D 85 -2.57 -14.03 13.65
C ILE D 85 -3.37 -15.22 13.16
N ILE D 86 -3.72 -16.11 14.07
CA ILE D 86 -4.65 -17.21 13.78
C ILE D 86 -6.04 -16.82 14.28
N TRP D 87 -7.02 -16.86 13.40
CA TRP D 87 -8.38 -16.40 13.68
C TRP D 87 -9.31 -17.60 13.74
N ASP D 88 -10.14 -17.65 14.76
CA ASP D 88 -11.40 -18.37 14.68
C ASP D 88 -12.36 -17.50 13.86
N SER D 89 -12.52 -17.82 12.58
CA SER D 89 -13.36 -17.02 11.68
C SER D 89 -14.82 -17.02 12.09
N TYR D 90 -15.28 -18.06 12.81
CA TYR D 90 -16.67 -18.07 13.24
C TYR D 90 -16.95 -16.97 14.26
N THR D 91 -15.93 -16.48 14.97
CA THR D 91 -16.16 -15.62 16.13
C THR D 91 -15.32 -14.34 16.12
N THR D 92 -14.60 -14.06 15.05
CA THR D 92 -13.69 -12.92 14.98
C THR D 92 -12.64 -12.97 16.07
N ASN D 93 -12.22 -14.17 16.50
CA ASN D 93 -11.50 -14.34 17.76
C ASN D 93 -10.07 -14.79 17.48
N LYS D 94 -9.11 -14.09 18.07
CA LYS D 94 -7.71 -14.47 17.91
C LYS D 94 -7.39 -15.66 18.81
N VAL D 95 -7.05 -16.80 18.22
CA VAL D 95 -6.60 -17.98 18.98
C VAL D 95 -5.07 -17.95 19.21
N HIS D 96 -4.29 -17.37 18.28
CA HIS D 96 -2.87 -17.10 18.51
C HIS D 96 -2.44 -15.83 17.78
N ALA D 97 -1.34 -15.23 18.25
CA ALA D 97 -0.68 -14.16 17.51
C ALA D 97 0.82 -14.33 17.68
N ILE D 98 1.50 -14.68 16.61
CA ILE D 98 2.89 -15.16 16.64
C ILE D 98 3.79 -14.00 16.24
N PRO D 99 4.72 -13.58 17.10
CA PRO D 99 5.69 -12.53 16.76
C PRO D 99 6.79 -13.11 15.87
N LEU D 100 6.98 -12.51 14.70
CA LEU D 100 7.95 -13.03 13.74
C LEU D 100 9.37 -12.47 13.95
N ARG D 101 10.35 -13.28 13.60
CA ARG D 101 11.74 -12.85 13.70
C ARG D 101 12.11 -11.86 12.60
N SER D 102 11.33 -11.79 11.53
CA SER D 102 11.47 -10.75 10.51
C SER D 102 10.10 -10.25 10.11
N SER D 103 9.93 -8.93 10.13
CA SER D 103 8.62 -8.33 9.86
C SER D 103 8.14 -8.62 8.45
N TRP D 104 9.04 -8.73 7.47
CA TRP D 104 8.65 -8.71 6.07
C TRP D 104 8.19 -10.09 5.58
N VAL D 105 7.27 -10.68 6.34
CA VAL D 105 6.62 -11.93 5.96
C VAL D 105 5.83 -11.75 4.67
N MET D 106 5.97 -12.74 3.78
CA MET D 106 5.26 -12.76 2.51
C MET D 106 4.43 -14.00 2.25
N THR D 107 4.50 -15.03 3.08
CA THR D 107 3.72 -16.24 2.86
C THR D 107 3.39 -16.87 4.20
N CYS D 108 2.27 -17.58 4.24
CA CYS D 108 1.99 -18.48 5.36
C CYS D 108 1.07 -19.61 4.94
N ALA D 109 1.15 -20.70 5.71
CA ALA D 109 0.26 -21.80 5.52
C ALA D 109 0.06 -22.55 6.83
N TYR D 110 -1.10 -23.20 6.96
CA TYR D 110 -1.29 -24.34 7.86
C TYR D 110 -0.69 -25.62 7.30
N ALA D 111 -0.17 -26.43 8.20
CA ALA D 111 -0.13 -27.87 7.97
C ALA D 111 -1.55 -28.41 7.92
N PRO D 112 -1.87 -29.32 7.00
CA PRO D 112 -3.20 -29.94 7.03
C PRO D 112 -3.52 -30.65 8.34
N SER D 113 -2.53 -31.05 9.14
CA SER D 113 -2.80 -31.61 10.46
C SER D 113 -3.27 -30.54 11.43
N GLY D 114 -3.11 -29.26 11.11
CA GLY D 114 -3.39 -28.23 12.08
C GLY D 114 -2.28 -27.97 13.07
N ASN D 115 -1.33 -28.89 13.20
CA ASN D 115 -0.37 -28.83 14.30
C ASN D 115 0.60 -27.66 14.10
N TYR D 116 0.99 -27.39 12.86
CA TYR D 116 2.04 -26.43 12.56
C TYR D 116 1.51 -25.31 11.67
N VAL D 117 2.13 -24.14 11.77
CA VAL D 117 1.91 -23.03 10.86
C VAL D 117 3.28 -22.53 10.42
N ALA D 118 3.43 -22.28 9.14
CA ALA D 118 4.67 -21.82 8.54
C ALA D 118 4.52 -20.36 8.09
N CYS D 119 5.65 -19.68 7.99
CA CYS D 119 5.70 -18.41 7.27
C CYS D 119 7.11 -18.18 6.76
N GLY D 120 7.23 -17.23 5.83
CA GLY D 120 8.50 -16.82 5.27
C GLY D 120 8.35 -15.53 4.52
N GLY D 121 9.48 -14.95 4.16
CA GLY D 121 9.49 -13.68 3.45
C GLY D 121 10.84 -13.18 2.94
N LEU D 122 11.14 -11.90 3.13
CA LEU D 122 12.34 -11.30 2.55
C LEU D 122 13.61 -11.89 3.16
N ASP D 123 13.60 -12.16 4.47
CA ASP D 123 14.55 -13.10 5.02
C ASP D 123 14.24 -14.50 4.48
N ASN D 124 15.22 -15.11 3.84
CA ASN D 124 14.97 -16.26 2.99
C ASN D 124 14.53 -17.54 3.76
N ILE D 125 14.30 -17.41 5.06
CA ILE D 125 13.94 -18.52 5.92
C ILE D 125 12.47 -18.83 5.81
N CYS D 126 12.13 -20.09 5.99
CA CYS D 126 10.77 -20.54 6.28
C CYS D 126 10.69 -20.86 7.76
N SER D 127 10.11 -19.95 8.52
CA SER D 127 9.92 -20.13 9.95
C SER D 127 8.65 -20.94 10.19
N ILE D 128 8.80 -22.12 10.77
CA ILE D 128 7.71 -23.05 11.08
C ILE D 128 7.45 -23.03 12.58
N TYR D 129 6.18 -22.84 12.95
CA TYR D 129 5.77 -22.60 14.32
C TYR D 129 4.84 -23.71 14.77
N ASN D 130 5.13 -24.29 15.93
CA ASN D 130 4.35 -25.41 16.46
C ASN D 130 3.27 -24.86 17.40
N LEU D 131 2.00 -25.04 17.00
CA LEU D 131 0.86 -24.56 17.77
C LEU D 131 0.45 -25.48 18.91
N LYS D 132 0.80 -26.76 18.85
CA LYS D 132 0.40 -27.70 19.88
C LYS D 132 1.45 -27.89 20.95
N THR D 133 2.28 -26.87 21.18
CA THR D 133 3.22 -26.93 22.30
C THR D 133 2.51 -26.92 23.63
N ARG D 134 3.17 -27.55 24.61
CA ARG D 134 2.65 -27.61 25.95
C ARG D 134 2.65 -26.25 26.62
N GLU D 135 3.49 -25.32 26.13
CA GLU D 135 3.49 -23.99 26.70
C GLU D 135 2.34 -23.17 26.12
N GLY D 136 2.01 -22.10 26.85
CA GLY D 136 0.93 -21.22 26.50
C GLY D 136 1.17 -20.37 25.28
N ASN D 137 2.42 -20.27 24.81
CA ASN D 137 2.68 -19.47 23.63
C ASN D 137 3.42 -20.29 22.61
N VAL D 138 3.19 -19.94 21.35
CA VAL D 138 3.75 -20.65 20.22
C VAL D 138 5.27 -20.48 20.17
N ARG D 139 5.96 -21.53 19.75
CA ARG D 139 7.40 -21.55 19.59
C ARG D 139 7.75 -21.94 18.14
N VAL D 140 8.84 -21.39 17.64
CA VAL D 140 9.37 -21.71 16.33
C VAL D 140 10.15 -23.03 16.35
N SER D 141 9.59 -24.06 15.68
CA SER D 141 10.14 -25.41 15.74
C SER D 141 11.23 -25.67 14.71
N ARG D 142 11.19 -25.00 13.55
CA ARG D 142 12.28 -25.05 12.58
C ARG D 142 12.32 -23.75 11.78
N GLU D 143 13.52 -23.36 11.34
CA GLU D 143 13.71 -22.23 10.42
C GLU D 143 14.54 -22.66 9.21
N LEU D 144 13.83 -23.05 8.15
CA LEU D 144 14.44 -23.57 6.92
C LEU D 144 15.09 -22.46 6.13
N ALA D 145 16.42 -22.54 5.97
CA ALA D 145 17.24 -21.36 5.71
C ALA D 145 18.09 -21.52 4.46
N GLY D 146 17.78 -22.48 3.60
CA GLY D 146 18.65 -22.77 2.47
C GLY D 146 18.43 -21.94 1.23
N HIS D 147 17.26 -21.31 1.12
CA HIS D 147 16.95 -20.45 -0.02
C HIS D 147 17.82 -19.21 -0.06
N THR D 148 18.13 -18.78 -1.31
CA THR D 148 19.01 -17.63 -1.56
C THR D 148 18.19 -16.47 -2.11
N GLY D 149 16.94 -16.36 -1.67
CA GLY D 149 16.00 -15.36 -2.13
C GLY D 149 14.72 -15.45 -1.34
N TYR D 150 13.94 -14.38 -1.42
CA TYR D 150 12.77 -14.30 -0.58
C TYR D 150 11.80 -15.43 -0.92
N LEU D 151 11.09 -15.91 0.09
CA LEU D 151 10.08 -16.94 -0.09
C LEU D 151 8.75 -16.31 -0.45
N SER D 152 8.18 -16.74 -1.57
CA SER D 152 6.92 -16.18 -2.04
C SER D 152 5.70 -17.00 -1.64
N CYS D 153 5.89 -18.31 -1.48
CA CYS D 153 4.82 -19.20 -1.07
C CYS D 153 5.40 -20.46 -0.45
N CYS D 154 4.93 -20.80 0.75
CA CYS D 154 5.19 -22.09 1.39
C CYS D 154 3.87 -22.81 1.60
N ARG D 155 3.84 -24.09 1.21
CA ARG D 155 2.66 -24.94 1.36
C ARG D 155 3.11 -26.27 1.91
N PHE D 156 2.42 -26.74 2.96
CA PHE D 156 2.70 -28.02 3.58
C PHE D 156 2.17 -29.18 2.75
N LEU D 157 3.05 -30.15 2.48
CA LEU D 157 2.53 -31.40 1.94
C LEU D 157 1.89 -32.24 3.04
N ASP D 158 2.50 -32.24 4.21
CA ASP D 158 2.01 -33.01 5.34
C ASP D 158 2.58 -32.39 6.62
N ASP D 159 2.36 -33.07 7.74
CA ASP D 159 2.83 -32.60 9.03
C ASP D 159 4.33 -32.37 9.07
N ASN D 160 5.07 -32.94 8.12
CA ASN D 160 6.51 -32.93 8.20
C ASN D 160 7.19 -32.49 6.90
N GLN D 161 6.50 -32.44 5.77
CA GLN D 161 7.06 -31.92 4.51
C GLN D 161 6.43 -30.59 4.13
N ILE D 162 7.26 -29.60 3.81
CA ILE D 162 6.83 -28.30 3.27
C ILE D 162 7.56 -27.98 1.98
N VAL D 163 6.83 -27.51 0.98
CA VAL D 163 7.37 -27.05 -0.30
C VAL D 163 7.32 -25.53 -0.35
N THR D 164 8.39 -24.90 -0.88
CA THR D 164 8.66 -23.48 -0.64
C THR D 164 9.19 -22.86 -1.94
N SER D 165 8.39 -21.99 -2.53
CA SER D 165 8.83 -21.24 -3.68
C SER D 165 9.60 -19.98 -3.24
N SER D 166 10.63 -19.62 -4.01
CA SER D 166 11.48 -18.49 -3.68
C SER D 166 11.82 -17.69 -4.93
N GLY D 167 12.13 -16.40 -4.72
CA GLY D 167 12.68 -15.51 -5.73
C GLY D 167 14.04 -15.89 -6.26
N ASP D 168 14.71 -16.84 -5.63
CA ASP D 168 15.95 -17.42 -6.21
C ASP D 168 15.70 -18.28 -7.44
N THR D 169 14.48 -18.24 -7.98
CA THR D 169 14.01 -18.98 -9.15
C THR D 169 13.87 -20.47 -8.90
N THR D 170 13.95 -20.92 -7.65
CA THR D 170 13.78 -22.33 -7.34
C THR D 170 12.64 -22.49 -6.34
N CYS D 171 11.96 -23.63 -6.42
CA CYS D 171 11.22 -24.16 -5.28
C CYS D 171 12.08 -25.22 -4.60
N ALA D 172 11.76 -25.50 -3.33
CA ALA D 172 12.38 -26.60 -2.61
C ALA D 172 11.39 -27.28 -1.68
N LEU D 173 11.50 -28.61 -1.58
CA LEU D 173 10.70 -29.43 -0.67
C LEU D 173 11.57 -29.79 0.53
N TRP D 174 11.13 -29.43 1.73
CA TRP D 174 11.90 -29.56 2.97
C TRP D 174 11.33 -30.70 3.80
N ASP D 175 12.22 -31.50 4.37
CA ASP D 175 11.91 -32.34 5.53
C ASP D 175 12.17 -31.53 6.79
N ILE D 176 11.10 -31.20 7.52
CA ILE D 176 11.19 -30.27 8.63
C ILE D 176 11.95 -30.85 9.80
N GLU D 177 11.83 -32.15 10.06
CA GLU D 177 12.63 -32.74 11.12
C GLU D 177 14.12 -32.65 10.79
N THR D 178 14.48 -32.95 9.53
CA THR D 178 15.87 -32.80 9.11
C THR D 178 16.24 -31.33 8.95
N GLY D 179 15.28 -30.47 8.57
CA GLY D 179 15.61 -29.10 8.25
C GLY D 179 16.41 -28.93 7.00
N GLN D 180 16.24 -29.81 6.02
CA GLN D 180 17.14 -29.91 4.88
C GLN D 180 16.27 -30.10 3.63
N GLN D 181 16.72 -29.53 2.52
CA GLN D 181 16.04 -29.67 1.24
C GLN D 181 16.15 -31.09 0.73
N THR D 182 14.99 -31.76 0.67
CA THR D 182 14.93 -33.08 0.03
C THR D 182 15.05 -32.94 -1.48
N THR D 183 14.41 -31.93 -2.05
CA THR D 183 14.35 -31.75 -3.51
C THR D 183 14.39 -30.27 -3.83
N THR D 184 15.20 -29.88 -4.79
CA THR D 184 15.13 -28.55 -5.39
C THR D 184 14.52 -28.60 -6.78
N PHE D 185 13.58 -27.68 -7.03
CA PHE D 185 12.89 -27.54 -8.32
C PHE D 185 13.41 -26.30 -9.03
N THR D 186 14.20 -26.51 -10.08
CA THR D 186 15.22 -25.56 -10.47
C THR D 186 14.93 -24.92 -11.83
N GLY D 187 13.87 -25.35 -12.51
CA GLY D 187 13.72 -25.01 -13.90
C GLY D 187 13.27 -23.61 -14.20
N HIS D 188 12.71 -22.90 -13.20
CA HIS D 188 12.18 -21.57 -13.47
C HIS D 188 13.29 -20.59 -13.84
N THR D 189 13.07 -19.78 -14.88
CA THR D 189 14.00 -18.73 -15.26
C THR D 189 13.75 -17.46 -14.46
N GLY D 190 12.53 -17.26 -13.95
CA GLY D 190 12.19 -16.05 -13.24
C GLY D 190 11.88 -16.28 -11.76
N ASP D 191 11.79 -15.14 -11.06
CA ASP D 191 11.39 -15.09 -9.66
C ASP D 191 10.06 -15.81 -9.45
N VAL D 192 10.10 -16.91 -8.71
CA VAL D 192 8.94 -17.78 -8.51
C VAL D 192 8.02 -17.13 -7.49
N MET D 193 6.75 -16.92 -7.87
CA MET D 193 5.84 -16.04 -7.14
C MET D 193 4.71 -16.75 -6.41
N SER D 194 4.30 -17.94 -6.84
CA SER D 194 3.10 -18.57 -6.31
C SER D 194 3.19 -20.08 -6.43
N LEU D 195 2.56 -20.78 -5.49
CA LEU D 195 2.63 -22.22 -5.42
C LEU D 195 1.29 -22.76 -4.96
N SER D 196 0.72 -23.70 -5.74
CA SER D 196 -0.46 -24.44 -5.32
C SER D 196 -0.25 -25.94 -5.43
N LEU D 197 -0.62 -26.66 -4.38
CA LEU D 197 -0.58 -28.11 -4.39
C LEU D 197 -1.81 -28.69 -5.10
N ALA D 198 -1.58 -29.80 -5.81
CA ALA D 198 -2.69 -30.64 -6.24
C ALA D 198 -3.39 -31.21 -4.99
N PRO D 199 -4.71 -31.49 -5.08
CA PRO D 199 -5.41 -32.15 -3.96
C PRO D 199 -4.80 -33.47 -3.52
N ASP D 200 -4.06 -34.14 -4.39
CA ASP D 200 -3.36 -35.36 -4.00
C ASP D 200 -2.02 -35.07 -3.33
N THR D 201 -1.53 -33.85 -3.39
CA THR D 201 -0.21 -33.48 -2.90
C THR D 201 0.92 -34.26 -3.56
N ARG D 202 0.65 -35.04 -4.61
CA ARG D 202 1.76 -35.65 -5.33
C ARG D 202 2.35 -34.71 -6.36
N LEU D 203 1.54 -33.79 -6.89
CA LEU D 203 2.03 -32.77 -7.80
C LEU D 203 1.75 -31.38 -7.22
N PHE D 204 2.57 -30.42 -7.62
CA PHE D 204 2.27 -29.01 -7.40
C PHE D 204 2.70 -28.20 -8.62
N VAL D 205 2.13 -27.01 -8.69
CA VAL D 205 2.37 -26.06 -9.76
C VAL D 205 2.83 -24.75 -9.16
N SER D 206 3.82 -24.13 -9.81
CA SER D 206 4.30 -22.84 -9.37
C SER D 206 4.42 -21.86 -10.51
N GLY D 207 3.97 -20.63 -10.26
CA GLY D 207 4.02 -19.55 -11.24
C GLY D 207 5.15 -18.62 -10.85
N ALA D 208 5.85 -18.11 -11.85
CA ALA D 208 7.00 -17.25 -11.60
C ALA D 208 6.80 -15.87 -12.21
N CYS D 209 7.84 -15.05 -12.07
CA CYS D 209 7.96 -13.82 -12.84
C CYS D 209 8.49 -14.06 -14.25
N ASP D 210 8.67 -15.32 -14.62
CA ASP D 210 8.56 -15.67 -16.02
C ASP D 210 7.07 -15.84 -16.31
N ALA D 211 6.66 -15.54 -17.53
CA ALA D 211 5.25 -15.69 -17.85
C ALA D 211 4.90 -17.15 -18.06
N SER D 212 5.30 -17.98 -17.11
CA SER D 212 5.17 -19.43 -17.21
C SER D 212 4.78 -19.99 -15.85
N ALA D 213 4.01 -21.06 -15.90
CA ALA D 213 3.72 -21.91 -14.76
C ALA D 213 4.32 -23.27 -15.04
N LYS D 214 4.88 -23.90 -14.01
CA LYS D 214 5.47 -25.21 -14.13
C LYS D 214 4.81 -26.19 -13.17
N LEU D 215 4.55 -27.39 -13.67
CA LEU D 215 4.03 -28.51 -12.90
C LEU D 215 5.19 -29.41 -12.45
N TRP D 216 5.20 -29.78 -11.17
CA TRP D 216 6.32 -30.47 -10.55
C TRP D 216 5.84 -31.77 -9.92
N ASP D 217 6.69 -32.79 -9.99
CA ASP D 217 6.48 -34.06 -9.30
C ASP D 217 7.33 -34.08 -8.03
N VAL D 218 6.66 -34.18 -6.88
CA VAL D 218 7.37 -34.10 -5.60
C VAL D 218 8.21 -35.35 -5.31
N ARG D 219 7.84 -36.48 -5.88
CA ARG D 219 8.67 -37.67 -5.75
C ARG D 219 9.80 -37.68 -6.76
N GLU D 220 9.49 -37.47 -8.03
CA GLU D 220 10.50 -37.57 -9.07
C GLU D 220 11.38 -36.34 -9.09
N GLY D 221 10.95 -35.22 -8.53
CA GLY D 221 11.78 -34.04 -8.45
C GLY D 221 12.08 -33.38 -9.79
N MET D 222 11.06 -33.29 -10.66
CA MET D 222 11.26 -32.95 -12.05
C MET D 222 10.11 -32.08 -12.52
N CYS D 223 10.37 -31.28 -13.54
CA CYS D 223 9.36 -30.42 -14.15
C CYS D 223 8.57 -31.23 -15.20
N ARG D 224 7.37 -31.65 -14.82
CA ARG D 224 6.57 -32.49 -15.72
C ARG D 224 6.00 -31.70 -16.89
N GLN D 225 5.58 -30.45 -16.66
CA GLN D 225 5.08 -29.61 -17.74
C GLN D 225 5.37 -28.15 -17.45
N THR D 226 5.39 -27.36 -18.54
CA THR D 226 5.46 -25.91 -18.47
C THR D 226 4.33 -25.28 -19.28
N PHE D 227 3.61 -24.33 -18.64
CA PHE D 227 2.47 -23.63 -19.24
C PHE D 227 2.81 -22.14 -19.41
N THR D 228 2.68 -21.61 -20.63
CA THR D 228 3.37 -20.39 -21.00
C THR D 228 2.48 -19.39 -21.76
N GLY D 229 1.18 -19.47 -21.61
CA GLY D 229 0.28 -18.57 -22.33
C GLY D 229 0.17 -17.16 -21.78
N HIS D 230 0.65 -16.90 -20.56
CA HIS D 230 0.58 -15.61 -19.95
C HIS D 230 1.54 -14.63 -20.60
N GLU D 231 1.24 -13.35 -20.43
CA GLU D 231 2.10 -12.24 -20.84
C GLU D 231 3.05 -11.75 -19.75
N SER D 232 2.66 -11.84 -18.47
CA SER D 232 3.44 -11.24 -17.41
C SER D 232 3.41 -12.09 -16.15
N ASP D 233 4.05 -11.58 -15.12
CA ASP D 233 4.33 -12.34 -13.90
C ASP D 233 3.06 -12.99 -13.35
N ILE D 234 3.14 -14.29 -13.10
CA ILE D 234 2.04 -15.06 -12.55
C ILE D 234 2.09 -14.89 -11.03
N ASN D 235 1.53 -13.76 -10.56
CA ASN D 235 1.52 -13.49 -9.11
C ASN D 235 0.79 -14.56 -8.31
N ALA D 236 -0.16 -15.30 -8.90
CA ALA D 236 -1.03 -16.19 -8.14
C ALA D 236 -1.34 -17.45 -8.95
N ILE D 237 -1.51 -18.57 -8.24
CA ILE D 237 -1.83 -19.85 -8.87
C ILE D 237 -2.70 -20.66 -7.94
N CYS D 238 -3.61 -21.45 -8.52
CA CYS D 238 -4.52 -22.25 -7.71
C CYS D 238 -4.97 -23.42 -8.57
N PHE D 239 -4.78 -24.65 -8.07
CA PHE D 239 -5.39 -25.82 -8.68
C PHE D 239 -6.91 -25.78 -8.67
N PHE D 240 -7.50 -26.21 -9.80
CA PHE D 240 -8.91 -26.51 -9.85
C PHE D 240 -9.18 -27.78 -9.03
N PRO D 241 -10.27 -27.84 -8.28
CA PRO D 241 -10.42 -28.89 -7.27
C PRO D 241 -10.41 -30.28 -7.86
N ASN D 242 -10.67 -30.43 -9.17
CA ASN D 242 -10.50 -31.71 -9.79
C ASN D 242 -9.04 -32.16 -9.78
N GLY D 243 -8.11 -31.23 -9.65
CA GLY D 243 -6.70 -31.52 -9.69
C GLY D 243 -6.11 -31.69 -11.07
N ASN D 244 -6.91 -31.55 -12.11
CA ASN D 244 -6.47 -31.71 -13.48
C ASN D 244 -6.37 -30.38 -14.20
N ALA D 245 -6.69 -29.28 -13.53
CA ALA D 245 -6.50 -27.96 -14.10
C ALA D 245 -6.13 -26.97 -13.01
N PHE D 246 -5.56 -25.83 -13.42
CA PHE D 246 -5.21 -24.80 -12.47
C PHE D 246 -5.35 -23.43 -13.12
N ALA D 247 -5.76 -22.46 -12.30
CA ALA D 247 -5.86 -21.05 -12.69
C ALA D 247 -4.59 -20.26 -12.33
N THR D 248 -4.39 -19.13 -13.02
CA THR D 248 -3.14 -18.36 -12.93
C THR D 248 -3.46 -16.88 -13.06
N GLY D 249 -3.27 -16.13 -11.98
CA GLY D 249 -3.42 -14.68 -12.02
C GLY D 249 -2.09 -14.04 -12.35
N SER D 250 -2.12 -12.96 -13.13
CA SER D 250 -0.91 -12.30 -13.58
C SER D 250 -1.04 -10.77 -13.51
N ASP D 251 0.12 -10.11 -13.52
CA ASP D 251 0.23 -8.68 -13.82
C ASP D 251 -0.43 -8.28 -15.14
N ASP D 252 -0.58 -9.22 -16.08
CA ASP D 252 -1.22 -8.89 -17.35
C ASP D 252 -2.75 -8.66 -17.26
N ALA D 253 -3.28 -8.57 -16.04
CA ALA D 253 -4.69 -8.42 -15.72
C ALA D 253 -5.57 -9.60 -16.12
N THR D 254 -5.00 -10.66 -16.69
CA THR D 254 -5.78 -11.82 -17.07
C THR D 254 -5.58 -12.91 -16.02
N CYS D 255 -6.65 -13.66 -15.68
CA CYS D 255 -6.50 -15.02 -15.21
C CYS D 255 -6.56 -15.95 -16.40
N ARG D 256 -5.88 -17.10 -16.27
CA ARG D 256 -5.93 -18.13 -17.30
C ARG D 256 -6.05 -19.48 -16.64
N LEU D 257 -6.93 -20.33 -17.17
CA LEU D 257 -7.11 -21.67 -16.65
C LEU D 257 -6.41 -22.66 -17.59
N PHE D 258 -5.46 -23.43 -17.05
CA PHE D 258 -4.68 -24.40 -17.79
C PHE D 258 -5.11 -25.77 -17.36
N ASP D 259 -5.39 -26.62 -18.32
CA ASP D 259 -5.64 -28.04 -18.01
C ASP D 259 -4.37 -28.84 -18.24
N LEU D 260 -4.04 -29.67 -17.25
CA LEU D 260 -2.80 -30.43 -17.30
C LEU D 260 -2.78 -31.38 -18.50
N ARG D 261 -3.86 -32.14 -18.70
CA ARG D 261 -3.89 -33.17 -19.73
C ARG D 261 -3.96 -32.55 -21.13
N ALA D 262 -4.63 -31.40 -21.27
CA ALA D 262 -4.53 -30.69 -22.54
C ALA D 262 -3.24 -29.91 -22.69
N ASP D 263 -2.46 -29.75 -21.62
CA ASP D 263 -1.16 -29.09 -21.67
C ASP D 263 -1.24 -27.65 -22.20
N GLN D 264 -2.37 -26.96 -22.02
CA GLN D 264 -2.51 -25.66 -22.66
C GLN D 264 -3.59 -24.87 -21.93
N GLU D 265 -3.64 -23.58 -22.27
CA GLU D 265 -4.69 -22.69 -21.81
C GLU D 265 -6.09 -23.12 -22.26
N LEU D 266 -6.89 -23.58 -21.31
CA LEU D 266 -8.28 -23.94 -21.56
C LEU D 266 -9.20 -22.73 -21.59
N MET D 267 -8.90 -21.68 -20.82
CA MET D 267 -9.77 -20.52 -20.80
C MET D 267 -8.91 -19.34 -20.37
N THR D 268 -9.33 -18.15 -20.76
CA THR D 268 -8.75 -16.89 -20.30
C THR D 268 -9.86 -15.95 -19.84
N TYR D 269 -9.64 -15.34 -18.67
CA TYR D 269 -10.60 -14.46 -18.00
C TYR D 269 -10.08 -13.02 -18.03
N SER D 270 -10.82 -12.16 -18.71
CA SER D 270 -10.30 -10.83 -18.99
C SER D 270 -11.47 -9.88 -19.23
N HIS D 271 -11.25 -8.61 -18.93
CA HIS D 271 -12.28 -7.61 -19.11
C HIS D 271 -11.56 -6.28 -19.26
N ASP D 272 -11.81 -5.59 -20.37
CA ASP D 272 -11.05 -4.41 -20.73
C ASP D 272 -11.18 -3.28 -19.72
N ASN D 273 -12.18 -3.33 -18.83
CA ASN D 273 -12.23 -2.38 -17.73
C ASN D 273 -11.18 -2.65 -16.65
N ILE D 274 -10.51 -3.80 -16.71
CA ILE D 274 -9.53 -4.19 -15.71
C ILE D 274 -8.15 -4.08 -16.33
N ILE D 275 -7.31 -3.22 -15.75
CA ILE D 275 -6.02 -2.86 -16.33
C ILE D 275 -4.96 -3.07 -15.27
N CYS D 276 -5.26 -3.88 -14.24
CA CYS D 276 -4.31 -4.10 -13.16
C CYS D 276 -4.21 -5.58 -12.87
N GLY D 277 -3.12 -5.94 -12.19
CA GLY D 277 -2.78 -7.33 -11.97
C GLY D 277 -3.68 -8.02 -10.95
N ILE D 278 -3.69 -9.36 -11.05
CA ILE D 278 -4.26 -10.25 -10.02
C ILE D 278 -3.19 -10.64 -9.01
N THR D 279 -3.52 -10.56 -7.71
CA THR D 279 -2.55 -10.78 -6.65
C THR D 279 -2.85 -12.04 -5.83
N SER D 280 -4.10 -12.53 -5.88
CA SER D 280 -4.42 -13.84 -5.32
C SER D 280 -5.51 -14.48 -6.16
N VAL D 281 -5.49 -15.81 -6.21
CA VAL D 281 -6.51 -16.59 -6.90
C VAL D 281 -6.96 -17.77 -6.01
N SER D 282 -8.27 -18.03 -6.03
CA SER D 282 -8.80 -19.27 -5.47
C SER D 282 -10.02 -19.69 -6.29
N PHE D 283 -10.19 -21.01 -6.46
CA PHE D 283 -11.46 -21.59 -6.89
C PHE D 283 -12.41 -21.79 -5.72
N SER D 284 -13.70 -21.84 -6.05
CA SER D 284 -14.70 -22.44 -5.17
C SER D 284 -14.67 -23.97 -5.24
N LYS D 285 -15.38 -24.60 -4.30
CA LYS D 285 -15.29 -26.04 -4.14
C LYS D 285 -15.80 -26.79 -5.36
N SER D 286 -16.78 -26.25 -6.08
CA SER D 286 -17.18 -26.88 -7.32
C SER D 286 -16.21 -26.61 -8.45
N GLY D 287 -15.32 -25.64 -8.27
CA GLY D 287 -14.50 -25.12 -9.33
C GLY D 287 -15.18 -24.11 -10.24
N ARG D 288 -16.48 -23.92 -10.16
CA ARG D 288 -17.18 -23.10 -11.16
C ARG D 288 -17.00 -21.62 -10.90
N LEU D 289 -16.69 -21.23 -9.67
CA LEU D 289 -16.31 -19.85 -9.41
C LEU D 289 -14.79 -19.79 -9.33
N LEU D 290 -14.21 -18.86 -10.08
CA LEU D 290 -12.81 -18.46 -9.93
C LEU D 290 -12.77 -17.08 -9.27
N LEU D 291 -12.16 -17.00 -8.11
CA LEU D 291 -12.13 -15.76 -7.33
C LEU D 291 -10.73 -15.17 -7.47
N ALA D 292 -10.65 -14.00 -8.11
CA ALA D 292 -9.40 -13.32 -8.36
C ALA D 292 -9.35 -12.01 -7.58
N GLY D 293 -8.37 -11.92 -6.68
CA GLY D 293 -8.14 -10.68 -5.96
C GLY D 293 -7.30 -9.72 -6.78
N TYR D 294 -7.92 -8.63 -7.19
CA TYR D 294 -7.20 -7.66 -7.99
C TYR D 294 -6.58 -6.56 -7.12
N ASP D 295 -5.70 -5.81 -7.78
CA ASP D 295 -5.10 -4.57 -7.28
C ASP D 295 -6.01 -3.36 -7.52
N ASP D 296 -7.29 -3.58 -7.77
CA ASP D 296 -8.13 -2.61 -8.48
C ASP D 296 -8.76 -1.49 -7.64
N PHE D 297 -9.03 -1.65 -6.34
CA PHE D 297 -8.67 -2.71 -5.40
C PHE D 297 -9.80 -3.74 -5.21
N ASN D 298 -10.69 -3.86 -6.19
CA ASN D 298 -11.78 -4.78 -6.12
C ASN D 298 -11.29 -6.23 -6.15
N CYS D 299 -12.27 -7.13 -6.11
CA CYS D 299 -12.04 -8.57 -5.97
C CYS D 299 -13.16 -9.25 -6.72
N ASN D 300 -12.80 -9.96 -7.78
CA ASN D 300 -13.72 -10.38 -8.82
C ASN D 300 -13.97 -11.89 -8.81
N VAL D 301 -15.22 -12.25 -9.02
CA VAL D 301 -15.65 -13.63 -9.21
C VAL D 301 -15.92 -13.85 -10.69
N TRP D 302 -15.33 -14.91 -11.26
CA TRP D 302 -15.51 -15.28 -12.64
C TRP D 302 -16.19 -16.65 -12.67
N ASP D 303 -17.12 -16.82 -13.61
CA ASP D 303 -17.57 -18.17 -13.94
C ASP D 303 -16.39 -18.86 -14.62
N ALA D 304 -15.78 -19.82 -13.93
CA ALA D 304 -14.60 -20.49 -14.48
C ALA D 304 -14.90 -21.16 -15.82
N LEU D 305 -16.14 -21.53 -16.07
CA LEU D 305 -16.51 -22.20 -17.32
C LEU D 305 -17.00 -21.21 -18.37
N LYS D 306 -17.84 -20.25 -17.98
CA LYS D 306 -18.39 -19.34 -18.98
C LYS D 306 -17.44 -18.20 -19.27
N ALA D 307 -16.58 -17.87 -18.30
CA ALA D 307 -15.69 -16.70 -18.34
C ALA D 307 -16.43 -15.38 -18.52
N ASP D 308 -17.39 -15.12 -17.64
CA ASP D 308 -17.96 -13.80 -17.40
C ASP D 308 -17.93 -13.49 -15.92
N ARG D 309 -17.91 -12.20 -15.61
CA ARG D 309 -17.84 -11.73 -14.22
C ARG D 309 -19.17 -11.97 -13.50
N ALA D 310 -19.18 -12.97 -12.61
CA ALA D 310 -20.33 -13.30 -11.80
C ALA D 310 -20.61 -12.24 -10.72
N GLY D 311 -19.59 -11.51 -10.27
CA GLY D 311 -19.77 -10.56 -9.19
C GLY D 311 -18.45 -9.98 -8.73
N VAL D 312 -18.56 -9.02 -7.79
CA VAL D 312 -17.42 -8.29 -7.26
C VAL D 312 -17.52 -8.12 -5.75
N LEU D 313 -16.40 -8.41 -5.07
CA LEU D 313 -16.27 -8.29 -3.61
C LEU D 313 -15.63 -6.94 -3.27
N ALA D 314 -16.36 -5.88 -3.57
CA ALA D 314 -15.83 -4.53 -3.54
C ALA D 314 -15.70 -3.92 -2.15
N GLY D 315 -15.08 -4.63 -1.21
CA GLY D 315 -15.08 -4.21 0.16
C GLY D 315 -13.76 -3.64 0.64
N HIS D 316 -12.69 -3.68 -0.18
CA HIS D 316 -11.35 -3.28 0.27
C HIS D 316 -10.88 -1.99 -0.37
N ASP D 317 -10.07 -1.23 0.40
CA ASP D 317 -9.51 0.05 -0.01
C ASP D 317 -8.05 -0.04 -0.40
N ASN D 318 -7.46 -1.22 -0.32
CA ASN D 318 -6.13 -1.45 -0.85
C ASN D 318 -6.07 -2.87 -1.35
N ARG D 319 -4.96 -3.20 -2.03
CA ARG D 319 -4.82 -4.47 -2.75
C ARG D 319 -5.40 -5.64 -1.95
N VAL D 320 -6.14 -6.50 -2.65
CA VAL D 320 -6.50 -7.79 -2.10
C VAL D 320 -5.25 -8.65 -2.27
N SER D 321 -4.36 -8.62 -1.25
CA SER D 321 -3.10 -9.36 -1.34
C SER D 321 -3.31 -10.87 -1.32
N CYS D 322 -4.34 -11.35 -0.63
CA CYS D 322 -4.54 -12.79 -0.44
C CYS D 322 -6.02 -13.14 -0.42
N LEU D 323 -6.32 -14.35 -0.86
CA LEU D 323 -7.69 -14.78 -1.07
C LEU D 323 -7.76 -16.29 -0.98
N GLY D 324 -8.55 -16.80 -0.03
CA GLY D 324 -8.65 -18.22 0.22
C GLY D 324 -10.06 -18.66 0.55
N VAL D 325 -10.55 -19.62 -0.24
CA VAL D 325 -11.84 -20.27 0.00
C VAL D 325 -11.66 -21.45 0.94
N THR D 326 -12.54 -21.54 1.94
CA THR D 326 -12.49 -22.63 2.91
C THR D 326 -12.57 -23.97 2.22
N ASP D 327 -11.91 -24.97 2.82
CA ASP D 327 -11.92 -26.32 2.24
C ASP D 327 -13.33 -26.89 2.18
N ASP D 328 -14.21 -26.47 3.09
CA ASP D 328 -15.62 -26.79 2.99
C ASP D 328 -16.34 -25.88 2.00
N GLY D 329 -15.65 -24.93 1.40
CA GLY D 329 -16.29 -24.04 0.46
C GLY D 329 -17.23 -23.02 1.06
N MET D 330 -17.30 -22.93 2.40
CA MET D 330 -18.35 -22.14 3.05
C MET D 330 -18.08 -20.65 3.07
N ALA D 331 -16.83 -20.22 2.92
CA ALA D 331 -16.56 -18.81 2.81
C ALA D 331 -15.32 -18.58 2.00
N VAL D 332 -15.26 -17.40 1.39
CA VAL D 332 -14.04 -16.88 0.81
C VAL D 332 -13.53 -15.81 1.77
N ALA D 333 -12.40 -16.05 2.39
CA ALA D 333 -11.66 -15.00 3.07
C ALA D 333 -10.90 -14.15 2.06
N THR D 334 -10.81 -12.85 2.36
CA THR D 334 -9.99 -11.94 1.60
C THR D 334 -9.15 -11.08 2.55
N GLY D 335 -7.88 -10.87 2.22
CA GLY D 335 -7.01 -10.02 3.02
C GLY D 335 -6.32 -9.00 2.15
N SER D 336 -6.03 -7.85 2.77
CA SER D 336 -5.64 -6.66 2.05
C SER D 336 -4.54 -5.90 2.81
N TRP D 337 -3.86 -5.05 2.04
CA TRP D 337 -2.98 -4.02 2.56
C TRP D 337 -3.72 -3.02 3.45
N ASP D 338 -5.07 -3.11 3.49
CA ASP D 338 -5.85 -2.41 4.51
C ASP D 338 -5.57 -2.89 5.95
N SER D 339 -4.83 -4.00 6.11
CA SER D 339 -4.67 -4.73 7.36
C SER D 339 -5.89 -5.52 7.78
N PHE D 340 -6.96 -5.52 7.00
CA PHE D 340 -8.20 -6.18 7.39
C PHE D 340 -8.37 -7.45 6.55
N LEU D 341 -8.81 -8.51 7.20
CA LEU D 341 -9.37 -9.66 6.49
C LEU D 341 -10.88 -9.55 6.52
N LYS D 342 -11.50 -9.65 5.35
CA LYS D 342 -12.95 -9.70 5.22
C LYS D 342 -13.35 -11.08 4.72
N ILE D 343 -14.24 -11.73 5.45
CA ILE D 343 -14.75 -13.07 5.15
C ILE D 343 -16.16 -12.98 4.60
N TRP D 344 -16.37 -13.55 3.41
CA TRP D 344 -17.57 -13.36 2.61
C TRP D 344 -18.27 -14.69 2.37
N ASN D 345 -19.59 -14.65 2.34
CA ASN D 345 -20.35 -15.65 1.64
C ASN D 345 -21.75 -15.10 1.37
N LEU E 167 -28.82 50.27 15.44
CA LEU E 167 -28.12 49.04 15.03
C LEU E 167 -29.13 47.97 14.60
N GLU E 168 -28.79 47.19 13.58
CA GLU E 168 -29.69 46.20 13.03
C GLU E 168 -29.91 45.03 14.00
N VAL E 169 -30.94 44.22 13.67
CA VAL E 169 -31.30 43.02 14.41
C VAL E 169 -31.59 41.89 13.43
N SER E 170 -31.57 40.63 13.94
CA SER E 170 -31.95 39.45 13.10
C SER E 170 -32.67 38.40 13.96
N ILE E 171 -33.94 38.65 14.26
CA ILE E 171 -34.63 38.01 15.37
C ILE E 171 -34.67 36.48 15.23
N SER E 172 -34.98 35.99 14.03
CA SER E 172 -34.71 34.59 13.66
C SER E 172 -35.29 33.58 14.66
N ASP E 173 -36.42 33.91 15.29
CA ASP E 173 -36.87 33.10 16.44
C ASP E 173 -37.21 31.65 16.08
N GLY E 174 -37.77 31.40 14.90
CA GLY E 174 -38.10 30.02 14.50
C GLY E 174 -37.00 29.25 13.79
N LEU E 175 -36.08 29.99 13.17
CA LEU E 175 -34.99 29.41 12.40
C LEU E 175 -34.07 28.48 13.19
N PHE E 176 -33.97 28.68 14.51
CA PHE E 176 -33.22 27.79 15.38
C PHE E 176 -33.60 26.32 15.18
N LEU E 177 -34.89 26.02 15.02
CA LEU E 177 -35.30 24.64 14.86
C LEU E 177 -34.75 24.03 13.57
N SER E 178 -34.68 24.83 12.50
CA SER E 178 -34.10 24.34 11.25
C SER E 178 -32.60 24.12 11.38
N LEU E 179 -31.87 25.17 11.73
CA LEU E 179 -30.41 25.06 11.84
C LEU E 179 -29.99 24.03 12.89
N GLY E 180 -30.74 23.91 13.99
CA GLY E 180 -30.42 22.90 15.00
C GLY E 180 -30.60 21.48 14.49
N LEU E 181 -31.71 21.22 13.81
CA LEU E 181 -31.91 19.91 13.20
C LEU E 181 -30.92 19.60 12.07
N VAL E 182 -30.59 20.60 11.25
CA VAL E 182 -29.57 20.42 10.20
C VAL E 182 -28.23 20.00 10.81
N SER E 183 -27.75 20.77 11.78
CA SER E 183 -26.49 20.47 12.46
C SER E 183 -26.56 19.16 13.24
N LEU E 184 -27.72 18.81 13.79
CA LEU E 184 -27.89 17.52 14.46
C LEU E 184 -27.63 16.34 13.52
N VAL E 185 -28.20 16.42 12.32
CA VAL E 185 -28.00 15.39 11.30
C VAL E 185 -26.54 15.30 10.89
N GLU E 186 -25.94 16.45 10.55
CA GLU E 186 -24.55 16.46 10.10
C GLU E 186 -23.60 15.88 11.15
N ASN E 187 -23.80 16.21 12.42
CA ASN E 187 -22.98 15.63 13.48
C ASN E 187 -23.28 14.17 13.74
N ALA E 188 -24.56 13.78 13.67
CA ALA E 188 -24.92 12.39 13.80
C ALA E 188 -24.27 11.53 12.73
N LEU E 189 -24.16 12.04 11.50
CA LEU E 189 -23.46 11.31 10.45
C LEU E 189 -21.99 11.11 10.75
N VAL E 190 -21.30 12.14 11.24
CA VAL E 190 -19.89 12.01 11.59
C VAL E 190 -19.70 11.03 12.75
N VAL E 191 -20.51 11.17 13.80
CA VAL E 191 -20.43 10.26 14.95
C VAL E 191 -20.74 8.84 14.52
N ALA E 192 -21.79 8.66 13.73
CA ALA E 192 -22.11 7.32 13.23
C ALA E 192 -21.01 6.77 12.31
N THR E 193 -20.41 7.65 11.49
CA THR E 193 -19.32 7.20 10.60
C THR E 193 -18.12 6.72 11.41
N ILE E 194 -17.72 7.48 12.45
CA ILE E 194 -16.56 7.05 13.24
C ILE E 194 -16.89 5.88 14.14
N ALA E 195 -18.15 5.73 14.56
CA ALA E 195 -18.54 4.52 15.27
C ALA E 195 -18.58 3.31 14.35
N LYS E 196 -19.00 3.51 13.10
CA LYS E 196 -19.10 2.39 12.16
C LYS E 196 -17.71 1.96 11.69
N ASN E 197 -16.90 2.92 11.23
CA ASN E 197 -15.56 2.57 10.76
C ASN E 197 -14.59 2.47 11.94
N ARG E 198 -14.38 1.22 12.38
CA ARG E 198 -13.43 0.99 13.47
C ARG E 198 -11.98 1.34 13.12
N ASN E 199 -11.67 1.48 11.83
CA ASN E 199 -10.44 2.11 11.38
C ASN E 199 -10.31 3.57 11.80
N LEU E 200 -11.43 4.23 12.08
CA LEU E 200 -11.43 5.59 12.55
C LEU E 200 -11.24 5.74 14.05
N HIS E 201 -10.73 4.71 14.75
CA HIS E 201 -10.31 4.87 16.14
C HIS E 201 -8.88 5.35 16.27
N SER E 202 -8.42 6.19 15.34
CA SER E 202 -7.21 6.94 15.59
C SER E 202 -7.50 8.09 16.56
N PRO E 203 -6.50 8.57 17.29
CA PRO E 203 -6.73 9.68 18.25
C PRO E 203 -7.25 10.97 17.61
N MET E 204 -6.82 11.27 16.39
CA MET E 204 -7.34 12.46 15.72
C MET E 204 -8.83 12.29 15.43
N TYR E 205 -9.20 11.12 14.93
CA TYR E 205 -10.60 10.88 14.66
C TYR E 205 -11.40 10.70 15.95
N CYS E 206 -10.77 10.23 17.03
CA CYS E 206 -11.38 10.29 18.35
C CYS E 206 -11.74 11.71 18.77
N PHE E 207 -10.80 12.66 18.63
CA PHE E 207 -11.14 14.06 18.93
C PHE E 207 -12.17 14.63 17.94
N ILE E 208 -12.12 14.24 16.68
CA ILE E 208 -13.10 14.72 15.71
C ILE E 208 -14.50 14.16 16.02
N CYS E 209 -14.58 12.87 16.39
CA CYS E 209 -15.82 12.29 16.90
C CYS E 209 -16.33 13.04 18.13
N CYS E 210 -15.46 13.32 19.08
CA CYS E 210 -15.91 14.03 20.27
C CYS E 210 -16.37 15.47 19.96
N LEU E 211 -15.68 16.15 19.04
CA LEU E 211 -16.17 17.43 18.54
C LEU E 211 -17.54 17.29 17.91
N ALA E 212 -17.74 16.25 17.11
CA ALA E 212 -19.04 16.05 16.47
C ALA E 212 -20.14 15.78 17.48
N LEU E 213 -19.86 14.89 18.44
CA LEU E 213 -20.81 14.62 19.52
C LEU E 213 -21.11 15.85 20.36
N SER E 214 -20.12 16.72 20.56
CA SER E 214 -20.36 17.97 21.27
C SER E 214 -21.24 18.92 20.48
N ASP E 215 -20.98 19.10 19.20
CA ASP E 215 -21.88 19.88 18.36
C ASP E 215 -23.25 19.24 18.25
N LEU E 216 -23.30 17.92 18.33
CA LEU E 216 -24.58 17.24 18.43
C LEU E 216 -25.36 17.65 19.68
N LEU E 217 -24.71 17.63 20.83
CA LEU E 217 -25.39 18.05 22.06
C LEU E 217 -25.72 19.53 22.09
N VAL E 218 -24.88 20.35 21.47
CA VAL E 218 -25.22 21.77 21.29
C VAL E 218 -26.51 21.91 20.50
N SER E 219 -26.59 21.29 19.33
CA SER E 219 -27.73 21.42 18.44
C SER E 219 -28.99 20.83 19.06
N GLY E 220 -28.87 19.63 19.64
CA GLY E 220 -29.96 19.00 20.39
C GLY E 220 -30.49 19.86 21.53
N SER E 221 -29.60 20.40 22.34
CA SER E 221 -30.06 21.22 23.47
C SER E 221 -30.73 22.52 23.03
N ASN E 222 -30.16 23.16 22.00
CA ASN E 222 -30.79 24.34 21.40
C ASN E 222 -32.16 24.03 20.82
N VAL E 223 -32.28 22.93 20.04
CA VAL E 223 -33.60 22.55 19.55
C VAL E 223 -34.55 22.13 20.67
N LEU E 224 -34.05 21.53 21.75
CA LEU E 224 -34.89 21.20 22.89
C LEU E 224 -35.53 22.43 23.50
N GLU E 225 -34.74 23.45 23.87
CA GLU E 225 -35.43 24.62 24.41
C GLU E 225 -36.03 25.56 23.38
N THR E 226 -35.67 25.42 22.09
CA THR E 226 -36.48 25.99 21.03
C THR E 226 -37.88 25.39 21.02
N ALA E 227 -37.97 24.07 21.13
CA ALA E 227 -39.25 23.38 21.16
C ALA E 227 -40.04 23.77 22.42
N VAL E 228 -39.37 23.71 23.58
CA VAL E 228 -40.04 24.07 24.83
C VAL E 228 -40.54 25.51 24.79
N ILE E 229 -39.72 26.46 24.35
CA ILE E 229 -40.13 27.87 24.29
C ILE E 229 -41.28 28.11 23.31
N LEU E 230 -41.23 27.47 22.14
CA LEU E 230 -42.33 27.58 21.18
C LEU E 230 -43.59 26.95 21.75
N LEU E 231 -43.45 25.77 22.34
CA LEU E 231 -44.59 25.00 22.82
C LEU E 231 -45.27 25.69 24.00
N LEU E 232 -44.49 26.34 24.86
CA LEU E 232 -45.06 27.20 25.89
C LEU E 232 -45.71 28.44 25.30
N GLU E 233 -45.07 29.06 24.31
CA GLU E 233 -45.67 30.23 23.66
C GLU E 233 -46.96 29.88 22.95
N ALA E 234 -47.02 28.70 22.33
CA ALA E 234 -48.26 28.22 21.71
C ALA E 234 -49.34 27.91 22.76
N GLY E 235 -48.99 27.86 24.04
CA GLY E 235 -49.92 27.41 25.06
C GLY E 235 -50.25 25.95 25.03
N ALA E 236 -49.55 25.18 24.22
CA ALA E 236 -49.75 23.74 24.15
C ALA E 236 -49.14 23.03 25.34
N LEU E 237 -48.25 23.68 26.06
CA LEU E 237 -47.66 23.15 27.28
C LEU E 237 -47.84 24.16 28.41
N VAL E 238 -47.99 23.63 29.62
CA VAL E 238 -47.84 24.40 30.85
C VAL E 238 -46.85 23.66 31.76
N ALA E 239 -46.15 24.44 32.60
CA ALA E 239 -45.25 23.86 33.59
C ALA E 239 -45.19 24.76 34.82
N ARG E 240 -44.99 24.12 35.97
CA ARG E 240 -44.74 24.87 37.18
C ARG E 240 -43.49 25.75 37.04
N ALA E 241 -43.54 26.94 37.62
CA ALA E 241 -42.44 27.88 37.48
C ALA E 241 -41.11 27.30 37.93
N ALA E 242 -41.06 26.66 39.11
CA ALA E 242 -39.79 26.11 39.59
C ALA E 242 -39.28 25.00 38.69
N VAL E 243 -40.19 24.12 38.25
CA VAL E 243 -39.87 23.03 37.33
C VAL E 243 -39.37 23.60 36.01
N LEU E 244 -40.02 24.65 35.53
CA LEU E 244 -39.60 25.28 34.28
C LEU E 244 -38.21 25.90 34.40
N GLN E 245 -37.93 26.58 35.50
CA GLN E 245 -36.58 27.14 35.69
C GLN E 245 -35.51 26.08 35.91
N GLN E 246 -35.80 24.97 36.56
CA GLN E 246 -34.80 23.91 36.65
C GLN E 246 -34.62 23.15 35.34
N LEU E 247 -35.68 23.00 34.55
CA LEU E 247 -35.50 22.50 33.20
C LEU E 247 -34.62 23.41 32.37
N ASP E 248 -34.86 24.70 32.45
CA ASP E 248 -33.99 25.69 31.82
C ASP E 248 -32.55 25.57 32.29
N ASN E 249 -32.35 25.35 33.59
CA ASN E 249 -31.00 25.11 34.10
C ASN E 249 -30.36 23.86 33.51
N VAL E 250 -31.09 22.73 33.45
CA VAL E 250 -30.48 21.49 32.98
C VAL E 250 -30.17 21.52 31.47
N ILE E 251 -31.08 22.07 30.68
CA ILE E 251 -30.81 22.32 29.26
C ILE E 251 -29.59 23.24 29.09
N ASP E 252 -29.49 24.30 29.88
CA ASP E 252 -28.37 25.23 29.74
C ASP E 252 -27.06 24.66 30.26
N VAL E 253 -27.11 23.77 31.23
CA VAL E 253 -25.91 23.04 31.66
C VAL E 253 -25.38 22.17 30.55
N ILE E 254 -26.25 21.38 29.90
CA ILE E 254 -25.76 20.56 28.79
C ILE E 254 -25.34 21.41 27.58
N THR E 255 -26.04 22.51 27.33
CA THR E 255 -25.65 23.48 26.31
C THR E 255 -24.27 24.09 26.57
N CYS E 256 -24.08 24.66 27.75
CA CYS E 256 -22.81 25.29 28.09
C CYS E 256 -21.69 24.26 28.12
N SER E 257 -21.97 23.04 28.59
CA SER E 257 -20.96 21.98 28.61
C SER E 257 -20.53 21.56 27.22
N SER E 258 -21.49 21.28 26.33
CA SER E 258 -21.16 20.97 24.94
C SER E 258 -20.59 22.16 24.18
N MET E 259 -20.75 23.37 24.67
CA MET E 259 -19.98 24.47 24.12
C MET E 259 -18.54 24.50 24.61
N LEU E 260 -18.33 24.47 25.92
CA LEU E 260 -17.01 24.45 26.49
C LEU E 260 -16.21 23.28 25.92
N SER E 261 -16.82 22.11 25.86
CA SER E 261 -16.20 20.93 25.25
C SER E 261 -16.05 21.05 23.74
N SER E 262 -16.95 21.72 23.02
CA SER E 262 -16.70 21.97 21.61
C SER E 262 -15.44 22.81 21.43
N LEU E 263 -15.33 23.89 22.19
CA LEU E 263 -14.12 24.71 22.18
C LEU E 263 -12.88 23.90 22.56
N CYS E 264 -12.96 23.11 23.62
CA CYS E 264 -11.85 22.25 24.00
C CYS E 264 -11.52 21.19 22.96
N PHE E 265 -12.49 20.64 22.23
CA PHE E 265 -12.16 19.67 21.20
C PHE E 265 -11.58 20.33 19.97
N LEU E 266 -11.97 21.56 19.68
CA LEU E 266 -11.29 22.32 18.64
C LEU E 266 -9.83 22.58 19.01
N GLY E 267 -9.59 22.97 20.26
CA GLY E 267 -8.22 23.06 20.78
C GLY E 267 -7.49 21.73 20.78
N ALA E 268 -8.18 20.66 21.15
CA ALA E 268 -7.57 19.34 21.17
C ALA E 268 -7.18 18.82 19.79
N ILE E 269 -8.01 19.08 18.79
CA ILE E 269 -7.62 18.81 17.41
C ILE E 269 -6.43 19.68 17.00
N ALA E 270 -6.46 20.96 17.33
CA ALA E 270 -5.31 21.83 17.07
C ALA E 270 -4.02 21.33 17.74
N VAL E 271 -4.15 20.79 18.96
CA VAL E 271 -3.00 20.23 19.68
C VAL E 271 -2.53 18.94 19.04
N ASP E 272 -3.44 18.02 18.76
CA ASP E 272 -3.11 16.77 18.08
C ASP E 272 -2.39 17.02 16.75
N ARG E 273 -2.94 17.91 15.93
CA ARG E 273 -2.29 18.31 14.66
C ARG E 273 -0.91 18.91 14.90
N TYR E 274 -0.80 19.83 15.88
CA TYR E 274 0.49 20.46 16.20
C TYR E 274 1.53 19.44 16.64
N ILE E 275 1.15 18.53 17.55
CA ILE E 275 2.03 17.43 17.96
C ILE E 275 2.39 16.56 16.74
N SER E 276 1.41 16.28 15.87
CA SER E 276 1.65 15.45 14.70
C SER E 276 2.59 16.11 13.70
N ILE E 277 2.80 17.42 13.80
CA ILE E 277 3.76 18.12 12.95
C ILE E 277 5.08 18.38 13.65
N PHE E 278 5.05 19.17 14.74
CA PHE E 278 6.29 19.61 15.38
C PHE E 278 6.94 18.50 16.21
N TYR E 279 6.21 17.45 16.57
CA TYR E 279 6.76 16.28 17.24
C TYR E 279 6.44 15.03 16.42
N ALA E 280 6.43 15.20 15.10
CA ALA E 280 5.95 14.21 14.13
C ALA E 280 6.50 12.82 14.39
N LEU E 281 7.80 12.71 14.66
CA LEU E 281 8.39 11.39 14.85
C LEU E 281 8.02 10.75 16.18
N ARG E 282 7.71 11.55 17.19
CA ARG E 282 7.25 11.03 18.48
C ARG E 282 5.74 11.08 18.65
N TYR E 283 5.01 11.43 17.59
CA TYR E 283 3.56 11.66 17.67
C TYR E 283 2.82 10.53 18.38
N HIS E 284 3.00 9.28 17.95
CA HIS E 284 2.30 8.15 18.57
C HIS E 284 2.85 7.73 19.92
N SER E 285 4.00 8.26 20.35
CA SER E 285 4.41 8.12 21.74
C SER E 285 3.76 9.21 22.59
N ILE E 286 3.62 10.41 22.04
CA ILE E 286 3.06 11.50 22.82
C ILE E 286 1.54 11.44 22.84
N VAL E 287 0.91 11.30 21.68
CA VAL E 287 -0.55 11.23 21.58
C VAL E 287 -0.94 9.81 21.16
N THR E 288 -1.70 9.14 22.02
CA THR E 288 -2.06 7.74 21.84
C THR E 288 -3.44 7.54 22.45
N LEU E 289 -4.15 6.54 21.93
CA LEU E 289 -5.57 6.40 22.23
C LEU E 289 -5.90 6.31 23.72
N PRO E 290 -5.08 5.71 24.58
CA PRO E 290 -5.27 5.92 26.03
C PRO E 290 -5.30 7.37 26.45
N ARG E 291 -4.30 8.16 26.01
CA ARG E 291 -4.27 9.58 26.37
C ARG E 291 -5.33 10.36 25.63
N ALA E 292 -5.71 9.94 24.42
CA ALA E 292 -6.84 10.59 23.76
C ALA E 292 -8.14 10.42 24.53
N ARG E 293 -8.44 9.21 24.94
CA ARG E 293 -9.62 8.96 25.76
C ARG E 293 -9.57 9.67 27.11
N ARG E 294 -8.41 9.66 27.78
CA ARG E 294 -8.22 10.41 29.02
C ARG E 294 -8.46 11.90 28.83
N ALA E 295 -7.91 12.49 27.77
CA ALA E 295 -8.17 13.90 27.49
C ALA E 295 -9.63 14.19 27.20
N VAL E 296 -10.26 13.35 26.39
CA VAL E 296 -11.70 13.47 26.10
C VAL E 296 -12.51 13.42 27.38
N ALA E 297 -12.21 12.47 28.25
CA ALA E 297 -12.88 12.42 29.53
C ALA E 297 -12.68 13.69 30.33
N ALA E 298 -11.45 14.12 30.48
CA ALA E 298 -11.17 15.34 31.23
C ALA E 298 -11.93 16.53 30.69
N ILE E 299 -11.97 16.68 29.36
CA ILE E 299 -12.72 17.75 28.71
C ILE E 299 -14.22 17.67 29.01
N TRP E 300 -14.81 16.50 28.84
CA TRP E 300 -16.26 16.40 29.08
C TRP E 300 -16.61 16.63 30.55
N VAL E 301 -15.89 15.95 31.45
CA VAL E 301 -16.19 16.13 32.87
C VAL E 301 -15.91 17.57 33.33
N ALA E 302 -14.81 18.17 32.91
CA ALA E 302 -14.57 19.57 33.24
C ALA E 302 -15.62 20.52 32.66
N SER E 303 -16.07 20.26 31.42
CA SER E 303 -17.11 21.08 30.82
C SER E 303 -18.43 20.99 31.56
N VAL E 304 -18.76 19.80 32.07
CA VAL E 304 -19.97 19.64 32.89
C VAL E 304 -19.80 20.32 34.25
N VAL E 305 -18.71 20.05 34.98
CA VAL E 305 -18.43 20.73 36.26
C VAL E 305 -18.50 22.25 36.13
N PHE E 306 -17.68 22.81 35.25
CA PHE E 306 -17.69 24.26 35.02
C PHE E 306 -19.05 24.76 34.54
N SER E 307 -19.73 24.01 33.67
CA SER E 307 -21.05 24.45 33.25
C SER E 307 -22.05 24.49 34.41
N THR E 308 -22.01 23.51 35.31
CA THR E 308 -22.84 23.53 36.51
C THR E 308 -22.53 24.75 37.37
N LEU E 309 -21.26 25.07 37.54
CA LEU E 309 -20.85 26.29 38.25
C LEU E 309 -21.34 27.55 37.52
N PHE E 310 -21.13 27.62 36.21
CA PHE E 310 -21.47 28.81 35.43
C PHE E 310 -22.97 29.07 35.37
N ILE E 311 -23.77 28.02 35.24
CA ILE E 311 -25.22 28.14 35.19
C ILE E 311 -25.82 28.33 36.58
N ALA E 312 -25.17 27.82 37.63
CA ALA E 312 -25.66 28.09 38.98
C ALA E 312 -25.36 29.52 39.40
N TYR E 313 -24.11 29.94 39.28
CA TYR E 313 -23.67 31.30 39.59
C TYR E 313 -23.74 32.23 38.40
N TYR E 314 -24.71 32.02 37.51
CA TYR E 314 -24.82 32.80 36.29
C TYR E 314 -25.00 34.29 36.56
N ASP E 315 -25.54 34.65 37.71
CA ASP E 315 -25.76 36.05 38.03
C ASP E 315 -24.48 36.78 38.48
N HIS E 316 -23.34 36.09 38.54
CA HIS E 316 -22.06 36.70 38.93
C HIS E 316 -21.20 36.99 37.69
N VAL E 317 -20.75 38.24 37.55
CA VAL E 317 -19.98 38.67 36.39
C VAL E 317 -18.71 37.87 36.24
N ALA E 318 -18.18 37.34 37.35
CA ALA E 318 -16.99 36.49 37.31
C ALA E 318 -17.20 35.23 36.47
N VAL E 319 -18.42 34.71 36.41
CA VAL E 319 -18.71 33.56 35.55
C VAL E 319 -18.60 33.94 34.08
N LEU E 320 -19.27 35.00 33.66
CA LEU E 320 -19.23 35.44 32.27
C LEU E 320 -17.80 35.81 31.88
N LEU E 321 -17.08 36.54 32.76
CA LEU E 321 -15.70 36.91 32.48
C LEU E 321 -14.78 35.71 32.36
N CYS E 322 -14.92 34.72 33.24
CA CYS E 322 -14.12 33.50 33.13
C CYS E 322 -14.42 32.72 31.84
N LEU E 323 -15.69 32.62 31.47
CA LEU E 323 -16.08 31.95 30.22
C LEU E 323 -15.54 32.66 28.98
N VAL E 324 -15.51 33.99 29.03
CA VAL E 324 -14.87 34.80 27.97
C VAL E 324 -13.35 34.62 27.96
N VAL E 325 -12.71 34.70 29.13
CA VAL E 325 -11.27 34.43 29.20
C VAL E 325 -10.93 33.02 28.70
N PHE E 326 -11.81 32.04 28.92
CA PHE E 326 -11.60 30.73 28.31
C PHE E 326 -11.71 30.77 26.79
N PHE E 327 -12.68 31.48 26.26
CA PHE E 327 -12.75 31.62 24.82
C PHE E 327 -11.52 32.32 24.26
N LEU E 328 -11.07 33.39 24.91
CA LEU E 328 -9.83 34.06 24.51
C LEU E 328 -8.61 33.15 24.60
N ALA E 329 -8.53 32.30 25.63
CA ALA E 329 -7.44 31.33 25.69
C ALA E 329 -7.51 30.29 24.59
N MET E 330 -8.70 29.82 24.24
CA MET E 330 -8.82 28.91 23.10
C MET E 330 -8.57 29.61 21.77
N LEU E 331 -8.92 30.89 21.62
CA LEU E 331 -8.61 31.62 20.40
C LEU E 331 -7.10 31.83 20.25
N VAL E 332 -6.43 32.21 21.35
CA VAL E 332 -4.97 32.34 21.32
C VAL E 332 -4.32 30.99 21.03
N LEU E 333 -4.81 29.92 21.65
CA LEU E 333 -4.29 28.59 21.37
C LEU E 333 -4.44 28.20 19.89
N MET E 334 -5.66 28.30 19.36
CA MET E 334 -5.91 27.99 17.96
C MET E 334 -5.03 28.79 17.03
N ALA E 335 -5.01 30.10 17.23
CA ALA E 335 -4.20 30.95 16.36
C ALA E 335 -2.71 30.63 16.44
N VAL E 336 -2.16 30.49 17.65
CA VAL E 336 -0.72 30.20 17.80
C VAL E 336 -0.36 28.85 17.16
N LEU E 337 -1.11 27.81 17.47
CA LEU E 337 -0.80 26.49 16.94
C LEU E 337 -0.95 26.43 15.42
N TYR E 338 -2.08 26.90 14.87
CA TYR E 338 -2.29 26.79 13.42
C TYR E 338 -1.43 27.75 12.62
N VAL E 339 -1.15 28.95 13.12
CA VAL E 339 -0.21 29.85 12.46
C VAL E 339 1.23 29.31 12.49
N HIS E 340 1.64 28.67 13.59
CA HIS E 340 2.96 28.02 13.60
C HIS E 340 3.03 26.82 12.65
N MET E 341 1.97 26.02 12.63
CA MET E 341 1.86 24.93 11.66
C MET E 341 1.92 25.45 10.23
N LEU E 342 1.25 26.58 9.96
CA LEU E 342 1.35 27.23 8.65
C LEU E 342 2.74 27.79 8.40
N ALA E 343 3.46 28.23 9.42
CA ALA E 343 4.85 28.61 9.22
C ALA E 343 5.73 27.45 8.77
N ARG E 344 5.57 26.29 9.40
CA ARG E 344 6.23 25.08 8.89
C ARG E 344 5.73 24.70 7.49
N ALA E 345 4.44 24.86 7.22
CA ALA E 345 3.94 24.62 5.87
C ALA E 345 4.58 25.54 4.84
N CYS E 346 4.78 26.81 5.17
CA CYS E 346 5.46 27.72 4.27
C CYS E 346 6.96 27.41 4.12
N GLN E 347 7.63 27.01 5.20
CA GLN E 347 9.01 26.56 5.10
C GLN E 347 9.16 25.32 4.24
N HIS E 348 8.21 24.39 4.32
CA HIS E 348 8.21 23.23 3.43
C HIS E 348 7.93 23.64 2.00
N ALA E 349 6.97 24.53 1.77
CA ALA E 349 6.72 25.00 0.41
C ALA E 349 7.94 25.69 -0.21
N GLN E 350 8.69 26.42 0.59
CA GLN E 350 9.96 27.01 0.16
C GLN E 350 11.01 25.95 -0.17
N GLY E 351 11.19 24.97 0.72
CA GLY E 351 12.14 23.91 0.42
C GLY E 351 11.79 23.12 -0.82
N ILE E 352 10.50 22.81 -1.00
CA ILE E 352 10.00 22.16 -2.22
C ILE E 352 10.26 22.99 -3.47
N ALA E 353 9.86 24.26 -3.46
CA ALA E 353 10.13 25.11 -4.61
C ALA E 353 11.62 25.24 -4.88
N ARG E 354 12.41 25.32 -3.83
CA ARG E 354 13.84 25.49 -3.98
C ARG E 354 14.47 24.27 -4.65
N LEU E 355 14.08 23.07 -4.23
CA LEU E 355 14.56 21.88 -4.92
C LEU E 355 13.99 21.76 -6.33
N HIS E 356 12.70 22.11 -6.52
CA HIS E 356 12.14 22.00 -7.88
C HIS E 356 12.72 23.04 -8.82
N LYS E 357 12.93 24.27 -8.34
CA LYS E 357 13.48 25.31 -9.17
C LYS E 357 14.51 26.11 -8.40
N LEU E 368 -0.68 28.80 -0.92
CA LEU E 368 -1.62 29.61 -0.17
C LEU E 368 -2.76 28.72 0.35
N LYS E 369 -2.71 27.45 -0.05
CA LYS E 369 -3.74 26.51 0.39
C LYS E 369 -3.86 26.51 1.90
N GLY E 370 -2.72 26.60 2.59
CA GLY E 370 -2.74 26.66 4.04
C GLY E 370 -3.20 27.98 4.59
N ALA E 371 -2.94 29.07 3.88
CA ALA E 371 -3.50 30.33 4.31
C ALA E 371 -5.03 30.34 4.21
N VAL E 372 -5.55 29.72 3.14
CA VAL E 372 -7.01 29.52 2.99
C VAL E 372 -7.55 28.63 4.11
N THR E 373 -6.93 27.45 4.31
CA THR E 373 -7.41 26.53 5.32
C THR E 373 -7.33 27.14 6.73
N LEU E 374 -6.22 27.82 7.06
CA LEU E 374 -6.13 28.61 8.28
C LEU E 374 -7.24 29.63 8.40
N THR E 375 -7.53 30.37 7.29
CA THR E 375 -8.56 31.39 7.32
C THR E 375 -9.94 30.80 7.51
N ILE E 376 -10.16 29.57 7.08
CA ILE E 376 -11.40 28.89 7.43
C ILE E 376 -11.42 28.47 8.90
N LEU E 377 -10.37 27.81 9.36
CA LEU E 377 -10.32 27.27 10.71
C LEU E 377 -10.48 28.38 11.74
N LEU E 378 -9.74 29.48 11.58
CA LEU E 378 -9.85 30.58 12.52
C LEU E 378 -11.04 31.53 12.23
N GLY E 379 -11.37 31.80 10.97
CA GLY E 379 -12.43 32.74 10.66
C GLY E 379 -13.81 32.23 11.03
N ILE E 380 -14.10 30.97 10.71
CA ILE E 380 -15.37 30.37 11.13
C ILE E 380 -15.44 30.33 12.65
N PHE E 381 -14.35 29.91 13.29
CA PHE E 381 -14.28 29.89 14.73
C PHE E 381 -14.57 31.26 15.35
N PHE E 382 -13.84 32.30 14.93
CA PHE E 382 -14.04 33.66 15.44
C PHE E 382 -15.35 34.28 14.96
N LEU E 383 -15.71 34.13 13.68
CA LEU E 383 -16.97 34.71 13.19
C LEU E 383 -18.19 34.14 13.90
N CYS E 384 -18.18 32.83 14.17
CA CYS E 384 -19.35 32.18 14.75
C CYS E 384 -19.33 32.14 16.28
N TRP E 385 -18.18 31.83 16.88
CA TRP E 385 -18.10 31.83 18.34
C TRP E 385 -17.85 33.25 18.86
N GLY E 386 -16.99 34.02 18.19
CA GLY E 386 -16.62 35.33 18.71
C GLY E 386 -17.71 36.29 19.11
N PRO E 387 -18.81 36.38 18.35
CA PRO E 387 -19.87 37.35 18.74
C PRO E 387 -20.65 36.96 20.00
N PHE E 388 -20.79 35.66 20.32
CA PHE E 388 -21.40 35.27 21.58
C PHE E 388 -20.54 35.67 22.79
N PHE E 389 -19.22 35.47 22.70
CA PHE E 389 -18.33 35.89 23.78
C PHE E 389 -18.15 37.41 23.81
N LEU E 390 -18.32 38.08 22.68
CA LEU E 390 -18.47 39.54 22.69
C LEU E 390 -19.72 39.93 23.49
N HIS E 391 -20.85 39.30 23.21
CA HIS E 391 -22.09 39.57 23.94
C HIS E 391 -21.92 39.40 25.45
N LEU E 392 -21.32 38.29 25.88
CA LEU E 392 -21.00 38.08 27.30
C LEU E 392 -20.04 39.15 27.85
N THR E 393 -19.03 39.51 27.05
CA THR E 393 -18.09 40.56 27.45
C THR E 393 -18.81 41.87 27.67
N LEU E 394 -19.69 42.24 26.74
CA LEU E 394 -20.43 43.49 26.89
C LEU E 394 -21.44 43.46 28.01
N ILE E 395 -21.99 42.30 28.34
CA ILE E 395 -22.82 42.16 29.55
C ILE E 395 -21.99 42.45 30.80
N VAL E 396 -20.73 42.02 30.82
CA VAL E 396 -19.88 42.36 31.95
C VAL E 396 -19.51 43.85 31.91
N LEU E 397 -19.05 44.31 30.76
CA LEU E 397 -18.50 45.64 30.61
C LEU E 397 -19.57 46.74 30.56
N CYS E 398 -20.76 46.43 30.07
CA CYS E 398 -21.69 47.52 29.77
C CYS E 398 -23.13 47.02 29.65
N PRO E 399 -23.71 46.51 30.73
CA PRO E 399 -25.09 46.00 30.66
C PRO E 399 -26.12 47.07 30.34
N GLU E 400 -25.80 48.35 30.47
CA GLU E 400 -26.78 49.41 30.31
C GLU E 400 -26.49 50.36 29.16
N HIS E 401 -25.32 50.23 28.50
CA HIS E 401 -25.01 51.09 27.37
C HIS E 401 -25.90 50.73 26.18
N PRO E 402 -26.52 51.71 25.50
CA PRO E 402 -27.53 51.40 24.48
C PRO E 402 -26.99 50.62 23.29
N THR E 403 -25.74 50.85 22.89
CA THR E 403 -25.18 50.07 21.80
C THR E 403 -24.87 48.64 22.26
N CYS E 404 -24.34 48.49 23.48
CA CYS E 404 -24.25 47.18 24.07
C CYS E 404 -25.62 46.50 24.14
N GLY E 405 -26.65 47.29 24.53
CA GLY E 405 -28.03 46.80 24.52
C GLY E 405 -28.51 46.30 23.17
N CYS E 406 -28.19 47.00 22.10
CA CYS E 406 -28.61 46.56 20.77
C CYS E 406 -27.89 45.27 20.34
N ILE E 407 -26.63 45.13 20.72
CA ILE E 407 -25.92 43.88 20.53
C ILE E 407 -26.57 42.74 21.33
N PHE E 408 -27.02 43.01 22.56
CA PHE E 408 -27.65 41.95 23.35
C PHE E 408 -28.90 41.37 22.68
N LYS E 409 -29.75 42.22 22.12
CA LYS E 409 -30.96 41.73 21.45
C LYS E 409 -30.67 40.95 20.17
N ASN E 410 -29.45 41.00 19.65
CA ASN E 410 -29.02 40.09 18.58
C ASN E 410 -28.59 38.69 19.04
N PHE E 411 -28.71 38.40 20.33
CA PHE E 411 -28.24 37.14 20.91
C PHE E 411 -28.68 35.90 20.13
N ASN E 412 -29.90 35.92 19.61
CA ASN E 412 -30.39 34.79 18.78
C ASN E 412 -29.48 34.54 17.58
N LEU E 413 -29.02 35.60 16.91
CA LEU E 413 -28.08 35.42 15.80
C LEU E 413 -26.78 34.74 16.25
N PHE E 414 -26.23 35.18 17.38
CA PHE E 414 -24.95 34.68 17.84
C PHE E 414 -25.04 33.20 18.25
N LEU E 415 -26.15 32.83 18.91
CA LEU E 415 -26.33 31.42 19.22
C LEU E 415 -26.59 30.59 17.98
N ALA E 416 -27.34 31.14 17.01
CA ALA E 416 -27.52 30.43 15.74
C ALA E 416 -26.20 30.25 15.00
N LEU E 417 -25.31 31.20 15.09
CA LEU E 417 -23.96 31.04 14.54
C LEU E 417 -23.16 29.94 15.25
N ILE E 418 -23.35 29.79 16.56
CA ILE E 418 -22.81 28.60 17.22
C ILE E 418 -23.39 27.31 16.64
N ILE E 419 -24.67 27.33 16.31
CA ILE E 419 -25.28 26.19 15.64
C ILE E 419 -24.70 26.03 14.23
N CYS E 420 -24.37 27.15 13.59
CA CYS E 420 -23.65 27.08 12.31
C CYS E 420 -22.28 26.46 12.49
N ASN E 421 -21.62 26.69 13.64
CA ASN E 421 -20.45 25.89 13.99
C ASN E 421 -20.79 24.40 14.06
N ALA E 422 -21.89 24.07 14.71
CA ALA E 422 -22.30 22.67 14.74
C ALA E 422 -22.55 22.11 13.34
N ILE E 423 -22.87 22.97 12.34
CA ILE E 423 -22.93 22.55 10.94
C ILE E 423 -21.55 22.42 10.29
N ILE E 424 -20.69 23.42 10.50
CA ILE E 424 -19.45 23.55 9.72
C ILE E 424 -18.28 22.73 10.25
N ASP E 425 -18.20 22.51 11.57
CA ASP E 425 -17.14 21.66 12.13
C ASP E 425 -17.02 20.28 11.50
N PRO E 426 -18.10 19.49 11.36
CA PRO E 426 -17.95 18.19 10.67
C PRO E 426 -17.49 18.33 9.23
N LEU E 427 -17.84 19.43 8.56
CA LEU E 427 -17.35 19.66 7.20
C LEU E 427 -15.85 19.94 7.15
N ILE E 428 -15.37 20.78 8.07
CA ILE E 428 -13.97 21.22 8.03
C ILE E 428 -13.01 20.27 8.73
N TYR E 429 -13.49 19.43 9.65
CA TYR E 429 -12.65 18.49 10.38
C TYR E 429 -12.86 17.03 10.02
N ALA E 430 -14.08 16.57 9.77
CA ALA E 430 -14.25 15.19 9.34
C ALA E 430 -14.21 15.04 7.82
N PHE E 431 -15.11 15.74 7.10
CA PHE E 431 -15.27 15.54 5.66
C PHE E 431 -14.23 16.28 4.82
N HIS E 432 -13.09 16.64 5.38
CA HIS E 432 -11.91 16.82 4.56
C HIS E 432 -11.19 15.51 4.29
N SER E 433 -11.37 14.53 5.14
CA SER E 433 -10.75 13.23 4.93
C SER E 433 -11.53 12.43 3.90
N GLN E 434 -10.80 11.91 2.91
CA GLN E 434 -11.38 10.96 1.98
C GLN E 434 -11.91 9.71 2.68
N GLU E 435 -11.29 9.33 3.78
CA GLU E 435 -11.75 8.17 4.53
C GLU E 435 -13.14 8.39 5.10
N LEU E 436 -13.41 9.61 5.57
CA LEU E 436 -14.77 9.95 6.00
C LEU E 436 -15.71 10.08 4.81
N ARG E 437 -15.27 10.80 3.78
CA ARG E 437 -16.10 11.00 2.58
C ARG E 437 -16.53 9.69 1.97
N ARG E 438 -15.71 8.64 2.09
CA ARG E 438 -16.12 7.32 1.62
C ARG E 438 -17.35 6.79 2.35
N THR E 439 -17.63 7.25 3.57
CA THR E 439 -18.72 6.67 4.36
C THR E 439 -19.35 7.74 5.23
N TYR F 2 -42.10 33.47 35.52
CA TYR F 2 -41.22 32.44 34.97
C TYR F 2 -40.97 32.71 33.47
N SER F 3 -39.79 32.36 33.00
CA SER F 3 -39.48 32.54 31.61
C SER F 3 -38.42 31.53 31.22
N MET F 4 -38.49 31.10 29.96
CA MET F 4 -37.53 30.19 29.36
C MET F 4 -36.49 31.00 28.59
N GLU F 5 -35.27 31.00 29.10
CA GLU F 5 -34.20 31.69 28.38
C GLU F 5 -33.70 30.83 27.23
N HIS F 6 -33.70 31.42 26.00
CA HIS F 6 -33.30 30.62 24.84
C HIS F 6 -31.87 30.15 24.96
N PHE F 7 -31.08 30.79 25.83
CA PHE F 7 -29.93 30.21 26.51
C PHE F 7 -29.60 31.26 27.55
N ARG F 8 -28.66 30.95 28.43
CA ARG F 8 -28.32 31.87 29.50
C ARG F 8 -27.83 33.21 28.94
N TRP F 9 -27.93 34.26 29.76
CA TRP F 9 -27.34 35.55 29.49
C TRP F 9 -27.91 36.22 28.21
N GLY F 10 -29.06 35.74 27.75
CA GLY F 10 -29.68 36.37 26.60
C GLY F 10 -30.03 37.83 26.80
N LYS F 11 -29.97 38.30 28.04
CA LYS F 11 -30.13 39.67 28.46
C LYS F 11 -29.19 39.91 29.63
N PRO F 12 -28.84 41.17 29.89
CA PRO F 12 -27.96 41.42 31.04
C PRO F 12 -28.64 41.02 32.33
N VAL F 13 -27.90 40.33 33.20
CA VAL F 13 -28.45 39.76 34.39
C VAL F 13 -27.34 39.53 35.41
CA CA G . -32.21 28.85 28.91
#